data_9I54
#
_entry.id   9I54
#
_cell.length_a   1.00
_cell.length_b   1.00
_cell.length_c   1.00
_cell.angle_alpha   90.00
_cell.angle_beta   90.00
_cell.angle_gamma   90.00
#
_symmetry.space_group_name_H-M   'P 1'
#
loop_
_entity.id
_entity.type
_entity.pdbx_description
1 polymer 'Guanine nucleotide-binding protein G(s) subunit alpha isoforms short'
2 polymer 'Guanine nucleotide-binding protein G(I)/G(S)/G(T) subunit beta-1'
3 polymer 'Guanine nucleotide-binding protein G(I)/G(S)/G(O) subunit gamma-2'
4 polymer 'Beta-2 adrenergic receptor,D(1A) dopamine receptor'
5 non-polymer 6-(3-fluoranyl-5-furo[3,2-c]pyridin-4-yloxy-pyridin-2-yl)-1,5-dimethyl-pyrimidine-2,4-dione
6 water water
#
loop_
_entity_poly.entity_id
_entity_poly.type
_entity_poly.pdbx_seq_one_letter_code
_entity_poly.pdbx_strand_id
1 'polypeptide(L)'
;MGCLGNSKTEDQRNEEKAQREANKKIEKQLQKDKQVYRATHRLLLLGAGESGKSTIVKQMRILHVNGFNGEGGEEDPQAA
RSNSDGEKATKVQDIKNNLKEAIETIVAAMSNLVPPVELANPENQFRVDYILSVMNVPDFDFPPEFYEHAKALWEDEGVR
ACYERSNEYQLIDCAQYFLDKIDVIKQADYVPSDQDLLRCRVLTSGIFETKFQVDKVNFHMFDVGAQRDERRKWIQCFND
VTAIIFVVASSSYNMVIREDNQTNRLQEALNLFKSIWNNRWLRTISVILFLNKQDLLAEKVLAGKSKIEDYFPEFARYTT
PEDATPEPGEDPRVTRAKYFIRDEFLRISTASGDGRHYCYPHFTCSVDTENIRRVFNDCRDIIQRMHLRQYELL
;
A
2 'polypeptide(L)'
;MGHHHHHHHHSELDQLRQEAEQLKNQIRDARKACADATLSQITNNIDPVGRIQMRTRRTLRGHLAKIYAMHWGTDSRLLV
SASQDGKLIIWDSYTTNKVHAIPLRSSWVMTCAYAPSGNYVACGGLDNICSIYNLKTREGNVRVSRELAGHTGYLSCCRF
LDDNQIVTSSGDTTCALWDIETGQQTTTFTGHTGDVMSLSLAPDTRLFVSGACDASAKLWDVREGMCRQTFTGHESDINA
ICFFPNGNAFATGSDDATCRLFDLRADQELMTYSHDNIICGITSVSFSKSGRLLLAGYDDFNCNVWDALKADRAGVLAGH
DNRVSCLGVTDDGMAVATGSWDSFLKIWNG
;
B
3 'polypeptide(L)' MASNNTASIAQARKLVEQLKMEANIDRIKVSKAAADLMAYCEAHAKEDPLLTPVPASENPFREKKFFCAIL G
4 'polypeptide(L)'
;MDSKGSSQKGSRLLLLLVVSNLLLCQGVVSDYKDDDDKDMGQPGNGSAFLLAPNGSHAPDHDVTQERDEGGSENLYFQGG
GSMRTLNTSAMDGTGLVVERDFSVRILTACFLSLLILSTLLGNTLVCAAVIRFRHLRSKVTNFFVISLAVSDLLVAVLVM
PWKAVAEIAGFWPFGSFCNIWVAFDIMCSTASILNLCVISVDRYWAISSPFRYERKMTPKAAFILISVAWTLSVLISFIP
VQLSWHKAKPTSPSDGNATSLAETIDNCDSSLSRTYAISSSVISFYIPVAIMIVTYTRIYRIAQKQIRRIAALERAAVHA
KNCQTTTGNGKPVECSQPESSFKMSFKRETKVLKTLSVIMGVFVCCWLPFFILNCILPFCGSGETQPFCIDSNTFDVFVW
FGWANSSLNPIIYAFNADFRKAFSTLLGCYRLCPATNNAIETVSINNNGAAMFSSHHEPRGSISKECNLVYLIPHAVGSS
EDLKKEEAAGIARPLEKLSPALSVILDYDTDVSLEKIQPITQNGQHPTHHHHHHHH
;
R
#
# COMPACT_ATOMS: atom_id res chain seq x y z
N THR A 9 -35.57 -29.61 -4.20
CA THR A 9 -34.23 -29.05 -4.33
C THR A 9 -33.37 -29.34 -3.09
N GLU A 10 -33.53 -30.55 -2.56
CA GLU A 10 -32.73 -30.95 -1.39
C GLU A 10 -31.26 -31.11 -1.75
N ASP A 11 -30.96 -31.57 -2.97
CA ASP A 11 -29.58 -31.70 -3.40
C ASP A 11 -28.88 -30.35 -3.43
N GLN A 12 -29.56 -29.32 -3.95
CA GLN A 12 -28.99 -27.97 -3.97
C GLN A 12 -28.76 -27.47 -2.55
N ARG A 13 -29.71 -27.75 -1.64
CA ARG A 13 -29.55 -27.32 -0.26
C ARG A 13 -28.33 -27.99 0.38
N ASN A 14 -28.16 -29.30 0.15
CA ASN A 14 -27.01 -30.00 0.71
C ASN A 14 -25.71 -29.47 0.13
N GLU A 15 -25.68 -29.19 -1.17
CA GLU A 15 -24.49 -28.62 -1.79
C GLU A 15 -24.14 -27.26 -1.18
N GLU A 16 -25.15 -26.41 -1.00
CA GLU A 16 -24.90 -25.10 -0.41
C GLU A 16 -24.43 -25.23 1.03
N LYS A 17 -24.98 -26.17 1.78
CA LYS A 17 -24.53 -26.38 3.16
C LYS A 17 -23.08 -26.83 3.20
N ALA A 18 -22.70 -27.76 2.33
CA ALA A 18 -21.31 -28.22 2.29
C ALA A 18 -20.38 -27.08 1.90
N GLN A 19 -20.79 -26.27 0.93
CA GLN A 19 -19.96 -25.14 0.51
C GLN A 19 -19.80 -24.12 1.64
N ARG A 20 -20.88 -23.83 2.37
CA ARG A 20 -20.79 -22.90 3.49
C ARG A 20 -19.91 -23.47 4.61
N GLU A 21 -20.01 -24.77 4.87
CA GLU A 21 -19.18 -25.38 5.90
C GLU A 21 -17.70 -25.30 5.52
N ALA A 22 -17.37 -25.59 4.25
CA ALA A 22 -15.98 -25.49 3.81
C ALA A 22 -15.49 -24.05 3.86
N ASN A 23 -16.32 -23.09 3.48
CA ASN A 23 -15.93 -21.69 3.57
C ASN A 23 -15.66 -21.29 5.01
N LYS A 24 -16.49 -21.74 5.95
CA LYS A 24 -16.28 -21.40 7.35
C LYS A 24 -15.00 -22.04 7.89
N LYS A 25 -14.73 -23.28 7.51
CA LYS A 25 -13.48 -23.92 7.92
C LYS A 25 -12.28 -23.17 7.38
N ILE A 26 -12.36 -22.70 6.12
CA ILE A 26 -11.27 -21.90 5.56
C ILE A 26 -11.11 -20.59 6.32
N GLU A 27 -12.22 -19.92 6.61
CA GLU A 27 -12.15 -18.59 7.23
C GLU A 27 -11.71 -18.66 8.69
N LYS A 28 -11.86 -19.81 9.35
CA LYS A 28 -11.27 -19.96 10.68
C LYS A 28 -9.75 -19.85 10.62
N GLN A 29 -9.13 -20.51 9.63
CA GLN A 29 -7.67 -20.50 9.52
C GLN A 29 -7.14 -19.16 9.04
N LEU A 30 -7.92 -18.43 8.25
CA LEU A 30 -7.49 -17.11 7.81
C LEU A 30 -7.47 -16.10 8.95
N GLN A 31 -8.18 -16.38 10.05
CA GLN A 31 -8.22 -15.47 11.17
C GLN A 31 -6.94 -15.54 12.01
N LYS A 32 -6.39 -16.74 12.21
CA LYS A 32 -5.12 -16.88 12.90
C LYS A 32 -3.97 -16.29 12.08
N ASP A 33 -4.01 -16.49 10.76
CA ASP A 33 -2.98 -15.95 9.88
C ASP A 33 -2.98 -14.43 9.90
N LYS A 34 -4.15 -13.82 10.06
CA LYS A 34 -4.20 -12.37 10.21
C LYS A 34 -3.52 -11.93 11.50
N GLN A 35 -3.68 -12.71 12.56
CA GLN A 35 -3.02 -12.39 13.82
C GLN A 35 -1.50 -12.49 13.69
N VAL A 36 -1.02 -13.54 13.02
CA VAL A 36 0.41 -13.71 12.87
C VAL A 36 1.00 -12.64 11.95
N TYR A 37 0.25 -12.25 10.91
CA TYR A 37 0.77 -11.29 9.93
C TYR A 37 1.00 -9.92 10.53
N ARG A 38 0.12 -9.49 11.44
CA ARG A 38 0.21 -8.13 11.97
C ARG A 38 1.39 -7.96 12.92
N ALA A 39 1.78 -9.01 13.63
CA ALA A 39 2.87 -8.93 14.60
C ALA A 39 4.26 -9.05 13.97
N THR A 40 4.34 -9.27 12.67
CA THR A 40 5.60 -9.54 11.99
C THR A 40 6.08 -8.31 11.25
N HIS A 41 7.40 -8.11 11.25
CA HIS A 41 8.04 -7.00 10.57
C HIS A 41 8.93 -7.53 9.47
N ARG A 42 8.78 -6.98 8.27
CA ARG A 42 9.49 -7.44 7.09
C ARG A 42 10.70 -6.55 6.81
N LEU A 43 11.83 -7.18 6.52
CA LEU A 43 13.10 -6.50 6.32
C LEU A 43 13.67 -6.87 4.96
N LEU A 44 14.09 -5.87 4.19
CA LEU A 44 14.77 -6.10 2.92
C LEU A 44 16.27 -5.91 3.14
N LEU A 45 17.05 -6.94 2.82
CA LEU A 45 18.49 -6.94 3.04
C LEU A 45 19.21 -6.70 1.73
N LEU A 46 20.03 -5.65 1.67
CA LEU A 46 20.77 -5.29 0.48
C LEU A 46 22.26 -5.26 0.80
N GLY A 47 23.06 -5.38 -0.24
CA GLY A 47 24.50 -5.42 -0.09
C GLY A 47 25.14 -5.99 -1.34
N ALA A 48 26.44 -6.24 -1.23
CA ALA A 48 27.22 -6.81 -2.32
C ALA A 48 27.75 -8.17 -1.90
N GLY A 49 28.35 -8.87 -2.86
CA GLY A 49 28.96 -10.15 -2.56
C GLY A 49 30.18 -10.03 -1.64
N GLU A 50 30.98 -8.99 -1.85
CA GLU A 50 32.20 -8.83 -1.06
C GLU A 50 31.91 -8.36 0.35
N SER A 51 30.75 -7.76 0.61
CA SER A 51 30.38 -7.41 1.96
C SER A 51 30.11 -8.67 2.78
N GLY A 52 30.14 -8.52 4.10
CA GLY A 52 29.90 -9.66 4.97
C GLY A 52 28.44 -9.96 5.17
N LYS A 53 27.64 -9.73 4.12
CA LYS A 53 26.20 -9.90 4.21
C LYS A 53 25.82 -11.36 4.47
N SER A 54 26.62 -12.30 3.97
CA SER A 54 26.30 -13.71 4.14
C SER A 54 26.51 -14.17 5.57
N THR A 55 27.62 -13.76 6.19
CA THR A 55 27.90 -14.19 7.55
C THR A 55 26.88 -13.64 8.54
N ILE A 56 26.42 -12.40 8.32
CA ILE A 56 25.39 -11.83 9.18
C ILE A 56 24.11 -12.65 9.08
N VAL A 57 23.76 -13.10 7.88
CA VAL A 57 22.56 -13.94 7.72
C VAL A 57 22.73 -15.26 8.48
N LYS A 58 23.92 -15.87 8.38
CA LYS A 58 24.17 -17.11 9.11
C LYS A 58 24.04 -16.90 10.61
N GLN A 59 24.56 -15.79 11.12
CA GLN A 59 24.42 -15.51 12.55
C GLN A 59 22.96 -15.30 12.94
N MET A 60 22.20 -14.60 12.10
CA MET A 60 20.78 -14.38 12.40
C MET A 60 20.02 -15.70 12.42
N ARG A 61 20.30 -16.59 11.47
CA ARG A 61 19.61 -17.88 11.45
C ARG A 61 19.96 -18.72 12.68
N ILE A 62 21.22 -18.70 13.09
CA ILE A 62 21.66 -19.44 14.27
C ILE A 62 21.02 -18.86 15.53
N SER A 205 19.40 -20.78 -5.94
CA SER A 205 17.96 -20.62 -6.11
C SER A 205 17.57 -19.14 -6.21
N GLY A 206 16.38 -18.81 -5.73
CA GLY A 206 15.90 -17.44 -5.79
C GLY A 206 16.06 -16.69 -4.50
N ILE A 207 14.99 -16.05 -4.04
CA ILE A 207 15.05 -15.27 -2.81
C ILE A 207 15.26 -16.20 -1.61
N PHE A 208 16.02 -15.73 -0.64
CA PHE A 208 16.26 -16.45 0.61
C PHE A 208 15.59 -15.68 1.75
N GLU A 209 14.90 -16.41 2.62
CA GLU A 209 14.13 -15.81 3.69
C GLU A 209 14.59 -16.34 5.04
N THR A 210 14.68 -15.46 6.02
CA THR A 210 15.12 -15.81 7.37
C THR A 210 14.13 -15.27 8.38
N LYS A 211 13.67 -16.14 9.28
CA LYS A 211 12.76 -15.77 10.35
C LYS A 211 13.51 -15.80 11.68
N PHE A 212 13.33 -14.76 12.48
CA PHE A 212 13.88 -14.73 13.83
C PHE A 212 12.95 -13.91 14.71
N GLN A 213 13.08 -14.11 16.01
CA GLN A 213 12.19 -13.49 16.99
C GLN A 213 13.02 -12.90 18.12
N VAL A 214 12.71 -11.66 18.49
CA VAL A 214 13.37 -10.96 19.59
C VAL A 214 12.30 -10.33 20.47
N ASP A 215 12.31 -10.68 21.76
CA ASP A 215 11.40 -10.08 22.74
C ASP A 215 9.94 -10.18 22.30
N LYS A 216 9.57 -11.36 21.78
CA LYS A 216 8.23 -11.66 21.31
C LYS A 216 7.84 -10.88 20.06
N VAL A 217 8.81 -10.29 19.36
CA VAL A 217 8.57 -9.61 18.10
C VAL A 217 9.14 -10.49 16.98
N ASN A 218 8.34 -10.73 15.95
CA ASN A 218 8.71 -11.61 14.86
C ASN A 218 9.25 -10.79 13.69
N PHE A 219 10.41 -11.19 13.17
CA PHE A 219 11.04 -10.51 12.05
C PHE A 219 11.19 -11.47 10.88
N HIS A 220 11.15 -10.91 9.68
CA HIS A 220 11.16 -11.68 8.43
C HIS A 220 12.06 -10.96 7.44
N MET A 221 13.29 -11.47 7.27
CA MET A 221 14.30 -10.81 6.46
C MET A 221 14.49 -11.56 5.14
N PHE A 222 14.63 -10.80 4.06
CA PHE A 222 14.65 -11.35 2.71
C PHE A 222 15.92 -10.89 1.99
N ASP A 223 16.62 -11.84 1.38
CA ASP A 223 17.84 -11.55 0.62
C ASP A 223 17.54 -11.64 -0.87
N VAL A 224 17.89 -10.58 -1.60
CA VAL A 224 17.56 -10.49 -3.02
C VAL A 224 18.83 -10.62 -3.86
N GLY A 225 19.79 -11.40 -3.38
CA GLY A 225 21.00 -11.64 -4.15
C GLY A 225 20.92 -12.90 -4.98
N ALA A 226 19.99 -12.95 -5.93
CA ALA A 226 19.73 -14.15 -6.73
C ALA A 226 19.73 -13.77 -8.20
N GLN A 227 20.91 -13.80 -8.82
CA GLN A 227 21.06 -13.61 -10.26
C GLN A 227 20.41 -12.30 -10.72
N ARG A 228 20.63 -11.24 -9.97
CA ARG A 228 20.01 -9.95 -10.24
C ARG A 228 20.96 -9.06 -11.03
N ASP A 229 20.48 -7.88 -11.38
CA ASP A 229 21.24 -6.90 -12.14
C ASP A 229 20.76 -5.50 -11.75
N GLU A 230 21.13 -4.51 -12.55
CA GLU A 230 20.64 -3.16 -12.34
C GLU A 230 19.21 -3.05 -12.88
N ARG A 231 18.65 -1.85 -12.78
CA ARG A 231 17.24 -1.61 -13.09
C ARG A 231 16.36 -2.59 -12.31
N ARG A 232 16.33 -2.39 -11.00
CA ARG A 232 15.67 -3.31 -10.10
C ARG A 232 14.15 -3.17 -10.21
N LYS A 233 13.56 -3.86 -11.18
CA LYS A 233 12.13 -3.78 -11.42
C LYS A 233 11.33 -4.35 -10.25
N TRP A 234 11.90 -5.31 -9.54
CA TRP A 234 11.26 -5.97 -8.41
C TRP A 234 11.28 -5.12 -7.14
N ILE A 235 11.82 -3.90 -7.19
CA ILE A 235 11.95 -3.07 -6.01
C ILE A 235 10.62 -2.53 -5.50
N GLN A 236 9.56 -2.63 -6.29
CA GLN A 236 8.25 -2.19 -5.84
C GLN A 236 7.53 -3.22 -4.99
N CYS A 237 8.07 -4.44 -4.87
CA CYS A 237 7.47 -5.45 -4.02
C CYS A 237 7.72 -5.16 -2.55
N PHE A 238 8.67 -4.28 -2.22
CA PHE A 238 9.09 -4.03 -0.85
C PHE A 238 8.79 -2.60 -0.43
N ASN A 239 7.71 -2.02 -0.93
CA ASN A 239 7.38 -0.64 -0.62
C ASN A 239 6.68 -0.49 0.73
N ASP A 240 6.45 -1.58 1.46
CA ASP A 240 5.83 -1.51 2.77
C ASP A 240 6.55 -2.37 3.80
N VAL A 241 7.88 -2.49 3.67
CA VAL A 241 8.66 -3.14 4.71
C VAL A 241 8.95 -2.14 5.83
N THR A 242 9.37 -2.66 6.99
CA THR A 242 9.72 -1.78 8.10
C THR A 242 10.99 -1.00 7.79
N ALA A 243 12.02 -1.69 7.33
CA ALA A 243 13.31 -1.06 7.11
C ALA A 243 14.08 -1.84 6.05
N ILE A 244 15.15 -1.20 5.56
CA ILE A 244 16.12 -1.81 4.66
C ILE A 244 17.44 -1.93 5.41
N ILE A 245 18.07 -3.10 5.32
CA ILE A 245 19.38 -3.31 5.90
C ILE A 245 20.40 -3.26 4.76
N PHE A 246 21.20 -2.21 4.73
CA PHE A 246 22.22 -2.01 3.71
C PHE A 246 23.58 -2.30 4.33
N VAL A 247 24.29 -3.26 3.76
CA VAL A 247 25.57 -3.71 4.29
C VAL A 247 26.68 -3.26 3.34
N VAL A 248 27.70 -2.63 3.90
CA VAL A 248 28.83 -2.09 3.14
C VAL A 248 30.11 -2.65 3.73
N ALA A 249 31.04 -3.04 2.87
CA ALA A 249 32.37 -3.45 3.30
C ALA A 249 33.25 -2.19 3.34
N SER A 250 33.46 -1.66 4.54
CA SER A 250 34.18 -0.40 4.68
C SER A 250 35.65 -0.53 4.33
N SER A 251 36.20 -1.74 4.33
CA SER A 251 37.62 -1.96 4.07
C SER A 251 37.93 -2.05 2.59
N SER A 252 36.93 -1.96 1.71
CA SER A 252 37.10 -2.18 0.28
C SER A 252 37.28 -0.89 -0.50
N TYR A 253 37.74 0.19 0.15
CA TYR A 253 37.96 1.44 -0.56
C TYR A 253 39.08 1.29 -1.59
N ASN A 254 40.16 0.58 -1.23
CA ASN A 254 41.28 0.42 -2.15
C ASN A 254 40.99 -0.59 -3.25
N MET A 255 40.14 -1.57 -2.99
CA MET A 255 39.86 -2.61 -3.97
C MET A 255 39.09 -2.05 -5.16
N VAL A 256 39.38 -2.58 -6.34
CA VAL A 256 38.76 -2.12 -7.58
C VAL A 256 37.83 -3.20 -8.14
N THR A 263 35.70 3.62 -9.81
CA THR A 263 35.80 2.18 -10.07
C THR A 263 35.98 1.43 -8.76
N ASN A 264 35.99 2.16 -7.65
CA ASN A 264 36.13 1.54 -6.33
C ASN A 264 34.87 0.78 -5.96
N ARG A 265 35.04 -0.25 -5.14
CA ARG A 265 33.89 -0.96 -4.59
C ARG A 265 33.13 -0.10 -3.60
N LEU A 266 33.83 0.76 -2.85
CA LEU A 266 33.15 1.69 -1.96
C LEU A 266 32.36 2.72 -2.75
N GLN A 267 32.88 3.18 -3.88
CA GLN A 267 32.12 4.09 -4.72
C GLN A 267 30.90 3.41 -5.32
N GLU A 268 31.03 2.12 -5.67
CA GLU A 268 29.87 1.37 -6.12
C GLU A 268 28.81 1.27 -5.03
N ALA A 269 29.25 1.04 -3.78
CA ALA A 269 28.30 0.99 -2.67
C ALA A 269 27.62 2.34 -2.47
N LEU A 270 28.38 3.43 -2.60
CA LEU A 270 27.81 4.76 -2.45
C LEU A 270 26.79 5.05 -3.55
N ASN A 271 27.11 4.67 -4.79
CA ASN A 271 26.19 4.86 -5.90
C ASN A 271 24.91 4.04 -5.70
N LEU A 272 25.06 2.79 -5.23
CA LEU A 272 23.89 1.97 -4.97
C LEU A 272 23.04 2.55 -3.84
N PHE A 273 23.68 3.06 -2.79
CA PHE A 273 22.93 3.69 -1.71
C PHE A 273 22.18 4.92 -2.18
N LYS A 274 22.82 5.75 -3.00
CA LYS A 274 22.15 6.93 -3.54
C LYS A 274 21.00 6.55 -4.46
N SER A 275 21.16 5.48 -5.24
CA SER A 275 20.07 5.00 -6.09
C SER A 275 18.90 4.51 -5.25
N ILE A 276 19.17 3.77 -4.18
CA ILE A 276 18.10 3.21 -3.36
C ILE A 276 17.40 4.31 -2.55
N TRP A 277 18.17 5.28 -2.05
CA TRP A 277 17.61 6.33 -1.21
C TRP A 277 16.60 7.17 -1.98
N ASN A 278 16.87 7.45 -3.25
CA ASN A 278 16.02 8.30 -4.06
C ASN A 278 15.01 7.52 -4.90
N ASN A 279 14.89 6.21 -4.69
CA ASN A 279 13.88 5.43 -5.39
C ASN A 279 12.47 5.90 -5.00
N ARG A 280 11.60 6.02 -6.00
CA ARG A 280 10.25 6.52 -5.77
C ARG A 280 9.38 5.55 -4.99
N TRP A 281 9.69 4.26 -5.04
CA TRP A 281 8.93 3.26 -4.30
C TRP A 281 9.38 3.12 -2.85
N LEU A 282 10.47 3.77 -2.48
CA LEU A 282 11.11 3.62 -1.18
C LEU A 282 11.23 4.96 -0.47
N ARG A 283 10.22 5.81 -0.63
CA ARG A 283 10.26 7.18 -0.13
C ARG A 283 9.78 7.31 1.31
N THR A 284 9.27 6.24 1.91
CA THR A 284 8.87 6.23 3.31
C THR A 284 9.55 5.10 4.08
N ILE A 285 10.66 4.59 3.55
CA ILE A 285 11.36 3.45 4.10
C ILE A 285 12.71 3.91 4.63
N SER A 286 13.01 3.56 5.86
CA SER A 286 14.27 3.90 6.49
C SER A 286 15.30 2.80 6.26
N VAL A 287 16.58 3.19 6.30
CA VAL A 287 17.68 2.29 6.00
C VAL A 287 18.54 2.15 7.25
N ILE A 288 18.75 0.91 7.69
CA ILE A 288 19.71 0.60 8.73
C ILE A 288 21.04 0.28 8.03
N LEU A 289 22.00 1.19 8.15
CA LEU A 289 23.26 1.07 7.41
C LEU A 289 24.28 0.35 8.27
N PHE A 290 24.77 -0.78 7.79
CA PHE A 290 25.78 -1.57 8.46
C PHE A 290 27.12 -1.32 7.77
N LEU A 291 28.00 -0.58 8.43
CA LEU A 291 29.35 -0.32 7.91
C LEU A 291 30.25 -1.43 8.44
N ASN A 292 30.37 -2.49 7.65
CA ASN A 292 30.90 -3.76 8.09
C ASN A 292 32.42 -3.82 7.93
N LYS A 293 33.00 -4.87 8.49
CA LYS A 293 34.43 -5.18 8.34
C LYS A 293 35.30 -4.06 8.90
N GLN A 294 35.04 -3.67 10.15
CA GLN A 294 35.82 -2.61 10.77
C GLN A 294 37.21 -3.08 11.15
N ASP A 295 37.37 -4.37 11.46
CA ASP A 295 38.70 -4.88 11.80
C ASP A 295 39.64 -4.84 10.61
N LEU A 296 39.16 -5.23 9.42
CA LEU A 296 40.01 -5.17 8.23
C LEU A 296 40.36 -3.74 7.89
N LEU A 297 39.40 -2.81 8.02
CA LEU A 297 39.69 -1.40 7.77
C LEU A 297 40.72 -0.87 8.75
N ALA A 298 40.61 -1.25 10.02
CA ALA A 298 41.59 -0.83 11.02
C ALA A 298 42.97 -1.37 10.68
N GLU A 299 43.04 -2.63 10.27
CA GLU A 299 44.33 -3.21 9.88
C GLU A 299 44.94 -2.50 8.68
N LYS A 300 44.10 -2.18 7.68
CA LYS A 300 44.60 -1.49 6.50
C LYS A 300 45.10 -0.09 6.85
N VAL A 301 44.36 0.64 7.68
CA VAL A 301 44.75 2.01 8.01
C VAL A 301 46.00 2.03 8.87
N LEU A 302 46.06 1.15 9.88
CA LEU A 302 47.20 1.16 10.80
C LEU A 302 48.50 0.78 10.10
N ALA A 303 48.49 -0.34 9.37
CA ALA A 303 49.67 -0.82 8.67
C ALA A 303 49.33 -1.01 7.20
N GLY A 304 50.19 -0.48 6.32
CA GLY A 304 49.96 -0.59 4.90
C GLY A 304 50.19 0.71 4.16
N LYS A 305 50.39 0.63 2.85
CA LYS A 305 50.64 1.79 2.02
C LYS A 305 49.40 2.24 1.24
N SER A 306 48.23 1.69 1.55
CA SER A 306 46.99 2.05 0.87
C SER A 306 46.42 3.30 1.52
N LYS A 307 46.79 4.46 0.97
CA LYS A 307 46.30 5.73 1.50
C LYS A 307 44.87 5.98 1.07
N ILE A 308 44.02 6.37 2.02
CA ILE A 308 42.62 6.64 1.70
C ILE A 308 42.49 7.88 0.82
N GLU A 309 43.32 8.90 1.08
CA GLU A 309 43.26 10.12 0.29
C GLU A 309 43.65 9.90 -1.17
N ASP A 310 44.38 8.81 -1.45
CA ASP A 310 44.73 8.51 -2.84
C ASP A 310 43.48 8.21 -3.66
N TYR A 311 42.52 7.49 -3.08
CA TYR A 311 41.29 7.14 -3.77
C TYR A 311 40.18 8.15 -3.54
N PHE A 312 40.10 8.75 -2.36
CA PHE A 312 39.11 9.78 -2.04
C PHE A 312 39.84 11.06 -1.68
N PRO A 313 39.99 12.02 -2.61
CA PRO A 313 40.82 13.19 -2.32
C PRO A 313 40.29 14.08 -1.20
N GLU A 314 39.02 13.96 -0.83
CA GLU A 314 38.46 14.79 0.22
C GLU A 314 38.92 14.40 1.62
N PHE A 315 39.61 13.27 1.75
CA PHE A 315 40.12 12.85 3.06
C PHE A 315 41.25 13.74 3.55
N ALA A 316 41.90 14.49 2.66
CA ALA A 316 43.00 15.36 3.07
C ALA A 316 42.51 16.59 3.83
N ARG A 317 41.21 16.85 3.87
CA ARG A 317 40.66 18.01 4.55
C ARG A 317 39.51 17.63 5.48
N TYR A 318 39.51 16.39 5.96
CA TYR A 318 38.46 15.91 6.85
C TYR A 318 38.94 15.90 8.29
N THR A 319 38.08 16.34 9.20
CA THR A 319 38.38 16.34 10.63
C THR A 319 37.28 15.60 11.38
N THR A 320 37.69 14.79 12.34
CA THR A 320 36.76 13.96 13.10
C THR A 320 35.70 14.84 13.77
N PRO A 321 34.42 14.49 13.69
CA PRO A 321 33.38 15.36 14.24
C PRO A 321 33.43 15.41 15.76
N GLU A 322 32.58 16.28 16.31
CA GLU A 322 32.44 16.38 17.76
C GLU A 322 31.60 15.24 18.33
N ASP A 323 30.61 14.77 17.60
CA ASP A 323 29.76 13.67 18.07
C ASP A 323 30.35 12.32 17.70
N ALA A 324 31.62 12.14 18.01
CA ALA A 324 32.34 10.90 17.76
C ALA A 324 32.61 10.21 19.09
N THR A 325 32.37 8.90 19.14
CA THR A 325 32.51 8.10 20.35
C THR A 325 33.45 6.95 20.06
N PRO A 326 34.76 7.22 19.97
CA PRO A 326 35.71 6.15 19.66
C PRO A 326 35.81 5.14 20.79
N GLU A 327 36.15 3.90 20.42
CA GLU A 327 36.44 2.88 21.40
C GLU A 327 37.70 3.24 22.17
N PRO A 328 37.82 2.78 23.42
CA PRO A 328 38.98 3.19 24.25
C PRO A 328 40.32 2.80 23.66
N GLY A 329 40.42 1.67 22.96
CA GLY A 329 41.70 1.20 22.48
C GLY A 329 41.98 1.47 21.01
N GLU A 330 41.26 2.41 20.41
CA GLU A 330 41.41 2.70 18.99
C GLU A 330 42.39 3.83 18.75
N ASP A 331 43.17 3.70 17.68
CA ASP A 331 44.04 4.78 17.23
C ASP A 331 43.19 5.94 16.71
N PRO A 332 43.67 7.18 16.88
CA PRO A 332 42.95 8.31 16.28
C PRO A 332 42.84 8.24 14.76
N ARG A 333 43.79 7.58 14.10
CA ARG A 333 43.72 7.45 12.65
C ARG A 333 42.55 6.57 12.22
N VAL A 334 42.30 5.49 12.95
CA VAL A 334 41.21 4.57 12.60
C VAL A 334 39.86 5.27 12.76
N THR A 335 39.71 6.08 13.81
CA THR A 335 38.45 6.79 14.04
C THR A 335 38.15 7.74 12.89
N ARG A 336 39.16 8.45 12.40
CA ARG A 336 38.95 9.43 11.34
C ARG A 336 38.42 8.76 10.08
N ALA A 337 38.99 7.62 9.69
CA ALA A 337 38.54 6.90 8.50
C ALA A 337 37.11 6.40 8.64
N LYS A 338 36.79 5.80 9.80
CA LYS A 338 35.44 5.32 10.03
C LYS A 338 34.44 6.43 9.87
N TYR A 339 34.68 7.56 10.54
CA TYR A 339 33.70 8.64 10.50
C TYR A 339 33.69 9.36 9.16
N PHE A 340 34.81 9.33 8.43
CA PHE A 340 34.81 9.86 7.07
C PHE A 340 33.88 9.06 6.17
N ILE A 341 33.96 7.73 6.22
CA ILE A 341 33.08 6.90 5.41
C ILE A 341 31.62 7.04 5.86
N ARG A 342 31.41 7.08 7.17
CA ARG A 342 30.05 7.27 7.67
C ARG A 342 29.45 8.58 7.18
N ASP A 343 30.23 9.66 7.22
CA ASP A 343 29.75 10.95 6.73
C ASP A 343 29.57 10.95 5.22
N GLU A 344 30.38 10.17 4.50
CA GLU A 344 30.20 10.04 3.06
C GLU A 344 28.83 9.44 2.74
N PHE A 345 28.37 8.49 3.53
CA PHE A 345 27.02 7.96 3.33
C PHE A 345 25.95 8.94 3.84
N LEU A 346 26.24 9.62 4.95
CA LEU A 346 25.24 10.51 5.55
C LEU A 346 25.00 11.74 4.71
N ARG A 347 25.99 12.19 3.94
CA ARG A 347 25.79 13.32 3.05
C ARG A 347 24.73 13.01 1.99
N ILE A 348 24.81 11.82 1.39
CA ILE A 348 23.75 11.36 0.49
C ILE A 348 22.43 11.26 1.26
N SER A 349 22.46 10.69 2.46
CA SER A 349 21.23 10.44 3.18
C SER A 349 20.48 11.74 3.47
N THR A 350 21.19 12.79 3.88
CA THR A 350 20.55 14.02 4.29
C THR A 350 20.39 15.04 3.16
N ALA A 351 21.13 14.89 2.06
CA ALA A 351 20.97 15.82 0.95
C ALA A 351 19.62 15.68 0.25
N SER A 352 18.90 14.58 0.46
CA SER A 352 17.63 14.34 -0.21
C SER A 352 16.58 13.73 0.71
N GLY A 353 16.74 13.94 2.02
CA GLY A 353 15.75 13.43 2.95
C GLY A 353 14.41 14.12 2.79
N ASP A 354 13.35 13.36 3.05
CA ASP A 354 12.00 13.87 2.92
C ASP A 354 11.34 14.19 4.26
N GLY A 355 11.93 13.76 5.38
CA GLY A 355 11.27 13.78 6.65
C GLY A 355 10.39 12.57 6.91
N ARG A 356 10.24 11.69 5.94
CA ARG A 356 9.46 10.47 6.08
C ARG A 356 10.32 9.22 6.25
N HIS A 357 11.64 9.36 6.16
CA HIS A 357 12.51 8.22 6.38
C HIS A 357 13.90 8.73 6.72
N TYR A 358 14.63 7.93 7.50
CA TYR A 358 15.93 8.30 8.05
C TYR A 358 16.93 7.18 7.80
N CYS A 359 18.16 7.40 8.22
CA CYS A 359 19.25 6.44 8.11
C CYS A 359 19.84 6.21 9.50
N TYR A 360 20.15 4.95 9.80
CA TYR A 360 20.64 4.52 11.11
C TYR A 360 21.99 3.83 10.91
N PRO A 361 23.10 4.58 10.87
CA PRO A 361 24.40 3.95 10.60
C PRO A 361 25.01 3.30 11.83
N HIS A 362 25.64 2.15 11.61
CA HIS A 362 26.32 1.40 12.65
C HIS A 362 27.68 0.95 12.14
N PHE A 363 28.65 0.85 13.05
CA PHE A 363 29.95 0.25 12.76
C PHE A 363 29.92 -1.19 13.25
N THR A 364 29.84 -2.13 12.33
CA THR A 364 29.61 -3.54 12.67
C THR A 364 30.82 -4.40 12.31
N CYS A 365 30.72 -5.67 12.66
CA CYS A 365 31.59 -6.72 12.14
C CYS A 365 30.72 -7.93 11.84
N SER A 366 31.21 -8.79 10.95
CA SER A 366 30.40 -9.92 10.50
C SER A 366 30.04 -10.84 11.66
N VAL A 367 31.01 -11.11 12.53
CA VAL A 367 30.80 -11.98 13.69
C VAL A 367 30.52 -11.06 14.87
N ASP A 368 29.25 -10.70 15.05
CA ASP A 368 28.80 -9.91 16.19
C ASP A 368 27.49 -10.46 16.70
N THR A 369 27.34 -10.49 18.02
CA THR A 369 26.09 -10.86 18.65
C THR A 369 25.20 -9.66 18.92
N GLU A 370 25.62 -8.46 18.48
CA GLU A 370 24.87 -7.23 18.73
C GLU A 370 24.01 -6.81 17.55
N ASN A 371 24.21 -7.41 16.36
CA ASN A 371 23.53 -6.93 15.17
C ASN A 371 22.02 -7.14 15.26
N ILE A 372 21.59 -8.23 15.88
CA ILE A 372 20.16 -8.49 16.06
C ILE A 372 19.54 -7.42 16.96
N ARG A 373 20.23 -7.07 18.04
CA ARG A 373 19.74 -6.01 18.92
C ARG A 373 19.73 -4.67 18.19
N ARG A 374 20.72 -4.41 17.34
CA ARG A 374 20.74 -3.18 16.56
C ARG A 374 19.51 -3.10 15.66
N VAL A 375 19.20 -4.19 14.96
CA VAL A 375 18.02 -4.21 14.10
C VAL A 375 16.74 -3.99 14.92
N PHE A 376 16.64 -4.66 16.06
CA PHE A 376 15.47 -4.53 16.93
C PHE A 376 15.28 -3.09 17.39
N ASN A 377 16.34 -2.48 17.90
CA ASN A 377 16.25 -1.12 18.43
C ASN A 377 15.96 -0.12 17.33
N ASP A 378 16.57 -0.28 16.16
CA ASP A 378 16.31 0.63 15.05
C ASP A 378 14.89 0.52 14.55
N CYS A 379 14.32 -0.70 14.51
CA CYS A 379 12.93 -0.86 14.12
C CYS A 379 11.99 -0.24 15.16
N ARG A 380 12.31 -0.40 16.44
CA ARG A 380 11.55 0.25 17.50
C ARG A 380 11.55 1.77 17.32
N ASP A 381 12.71 2.33 17.02
CA ASP A 381 12.82 3.77 16.78
C ASP A 381 12.04 4.20 15.54
N ILE A 382 12.07 3.38 14.48
CA ILE A 382 11.33 3.68 13.27
C ILE A 382 9.84 3.76 13.56
N ILE A 383 9.31 2.77 14.29
CA ILE A 383 7.89 2.75 14.58
C ILE A 383 7.51 3.92 15.49
N GLN A 384 8.36 4.22 16.48
CA GLN A 384 8.09 5.35 17.37
C GLN A 384 8.05 6.67 16.60
N ARG A 385 9.00 6.87 15.68
CA ARG A 385 9.00 8.09 14.89
C ARG A 385 7.80 8.18 13.97
N MET A 386 7.36 7.04 13.42
CA MET A 386 6.15 7.05 12.60
C MET A 386 4.94 7.45 13.42
N HIS A 387 4.82 6.92 14.64
CA HIS A 387 3.73 7.31 15.53
C HIS A 387 3.79 8.80 15.86
N LEU A 388 4.98 9.32 16.17
CA LEU A 388 5.12 10.74 16.47
C LEU A 388 4.76 11.60 15.27
N ARG A 389 5.05 11.11 14.07
CA ARG A 389 4.74 11.86 12.86
C ARG A 389 3.25 11.87 12.56
N GLN A 390 2.55 10.78 12.85
CA GLN A 390 1.12 10.72 12.55
C GLN A 390 0.28 11.58 13.49
N TYR A 391 0.84 12.04 14.60
CA TYR A 391 0.14 12.91 15.54
C TYR A 391 0.63 14.36 15.46
N GLU A 392 1.28 14.72 14.36
CA GLU A 392 1.78 16.07 14.10
C GLU A 392 2.81 16.52 15.13
N LEU A 393 3.40 15.58 15.87
CA LEU A 393 4.40 15.89 16.88
C LEU A 393 5.81 15.74 16.36
N LEU A 394 5.97 15.46 15.07
CA LEU A 394 7.29 15.31 14.45
C LEU A 394 7.14 15.53 12.96
N GLU B 12 34.84 -5.75 -38.97
CA GLU B 12 33.79 -6.76 -38.88
C GLU B 12 32.60 -6.24 -38.09
N LEU B 13 32.88 -5.65 -36.92
CA LEU B 13 31.81 -5.11 -36.08
C LEU B 13 31.10 -3.96 -36.80
N ASP B 14 31.86 -3.08 -37.45
CA ASP B 14 31.25 -1.99 -38.20
C ASP B 14 30.41 -2.50 -39.35
N GLN B 15 30.91 -3.52 -40.05
CA GLN B 15 30.14 -4.10 -41.15
C GLN B 15 28.83 -4.70 -40.67
N LEU B 16 28.88 -5.46 -39.57
CA LEU B 16 27.66 -6.07 -39.06
C LEU B 16 26.68 -5.03 -38.53
N ARG B 17 27.19 -3.97 -37.88
CA ARG B 17 26.31 -2.90 -37.44
C ARG B 17 25.65 -2.20 -38.61
N GLN B 18 26.40 -1.94 -39.68
CA GLN B 18 25.83 -1.33 -40.87
C GLN B 18 24.80 -2.23 -41.51
N GLU B 19 25.06 -3.54 -41.56
CA GLU B 19 24.10 -4.48 -42.13
C GLU B 19 22.81 -4.51 -41.32
N ALA B 20 22.93 -4.53 -39.99
CA ALA B 20 21.75 -4.51 -39.14
C ALA B 20 20.96 -3.22 -39.32
N GLU B 21 21.66 -2.09 -39.42
CA GLU B 21 20.96 -0.82 -39.65
C GLU B 21 20.24 -0.81 -40.99
N GLN B 22 20.88 -1.35 -42.04
CA GLN B 22 20.24 -1.41 -43.34
C GLN B 22 19.02 -2.32 -43.32
N LEU B 23 19.11 -3.45 -42.60
CA LEU B 23 17.96 -4.34 -42.49
C LEU B 23 16.81 -3.68 -41.74
N LYS B 24 17.13 -2.93 -40.67
CA LYS B 24 16.10 -2.19 -39.95
C LYS B 24 15.45 -1.14 -40.84
N ASN B 25 16.26 -0.45 -41.64
CA ASN B 25 15.71 0.55 -42.57
C ASN B 25 14.81 -0.10 -43.60
N GLN B 26 15.21 -1.27 -44.12
CA GLN B 26 14.38 -1.99 -45.08
C GLN B 26 13.05 -2.41 -44.45
N ILE B 27 13.10 -2.92 -43.22
CA ILE B 27 11.88 -3.32 -42.52
C ILE B 27 10.95 -2.13 -42.33
N ARG B 28 11.52 -1.00 -41.89
CA ARG B 28 10.69 0.20 -41.69
C ARG B 28 10.10 0.68 -43.01
N ASP B 29 10.89 0.63 -44.09
CA ASP B 29 10.38 1.05 -45.40
C ASP B 29 9.25 0.15 -45.86
N ALA B 30 9.39 -1.16 -45.68
CA ALA B 30 8.32 -2.09 -46.05
C ALA B 30 7.06 -1.83 -45.24
N ARG B 31 7.21 -1.61 -43.94
CA ARG B 31 6.06 -1.31 -43.10
C ARG B 31 5.37 -0.03 -43.53
N LYS B 32 6.15 1.01 -43.85
CA LYS B 32 5.57 2.26 -44.32
C LYS B 32 4.86 2.08 -45.65
N ALA B 33 5.45 1.27 -46.55
CA ALA B 33 4.81 1.04 -47.84
C ALA B 33 3.49 0.30 -47.69
N CYS B 34 3.43 -0.68 -46.77
CA CYS B 34 2.20 -1.44 -46.58
C CYS B 34 1.11 -0.64 -45.88
N ALA B 35 1.42 0.53 -45.35
CA ALA B 35 0.41 1.36 -44.69
C ALA B 35 -0.40 2.12 -45.73
N ASP B 36 -1.70 1.85 -45.80
CA ASP B 36 -2.59 2.49 -46.76
C ASP B 36 -3.54 3.47 -46.09
N ALA B 37 -4.31 3.01 -45.11
CA ALA B 37 -5.23 3.86 -44.38
C ALA B 37 -5.19 3.48 -42.90
N THR B 38 -5.45 4.46 -42.05
CA THR B 38 -5.45 4.22 -40.63
C THR B 38 -6.73 3.51 -40.20
N LEU B 39 -6.66 2.86 -39.03
CA LEU B 39 -7.85 2.23 -38.46
C LEU B 39 -8.93 3.28 -38.17
N SER B 40 -8.54 4.49 -37.81
CA SER B 40 -9.50 5.54 -37.52
C SER B 40 -10.30 5.92 -38.76
N GLN B 41 -9.66 5.95 -39.93
CA GLN B 41 -10.37 6.28 -41.16
C GLN B 41 -11.40 5.22 -41.50
N ILE B 42 -11.04 3.94 -41.34
CA ILE B 42 -11.94 2.86 -41.71
C ILE B 42 -13.15 2.83 -40.77
N THR B 43 -12.90 2.91 -39.47
CA THR B 43 -14.00 2.85 -38.49
C THR B 43 -14.51 4.24 -38.15
N ASN B 44 -14.86 5.01 -39.18
CA ASN B 44 -15.36 6.37 -38.97
C ASN B 44 -16.87 6.46 -39.07
N ASN B 45 -17.52 5.59 -39.84
CA ASN B 45 -18.97 5.55 -39.94
C ASN B 45 -19.61 4.58 -38.95
N ILE B 46 -18.82 3.87 -38.17
CA ILE B 46 -19.37 2.94 -37.19
C ILE B 46 -20.10 3.71 -36.10
N ASP B 47 -21.28 3.22 -35.71
CA ASP B 47 -22.01 3.84 -34.62
C ASP B 47 -21.28 3.61 -33.31
N PRO B 48 -21.07 4.65 -32.51
CA PRO B 48 -20.35 4.47 -31.24
C PRO B 48 -21.13 3.60 -30.26
N VAL B 49 -20.39 2.95 -29.37
CA VAL B 49 -21.02 2.10 -28.36
C VAL B 49 -21.77 2.92 -27.32
N GLY B 50 -21.48 4.21 -27.22
CA GLY B 50 -22.16 5.06 -26.26
C GLY B 50 -21.44 5.06 -24.93
N ARG B 51 -22.20 4.91 -23.84
CA ARG B 51 -21.66 4.91 -22.50
C ARG B 51 -21.84 3.52 -21.89
N ILE B 52 -20.77 2.97 -21.35
CA ILE B 52 -20.78 1.67 -20.70
C ILE B 52 -20.95 1.90 -19.21
N GLN B 53 -21.98 1.30 -18.62
CA GLN B 53 -22.27 1.45 -17.21
C GLN B 53 -22.25 0.08 -16.55
N MET B 54 -21.20 -0.18 -15.76
CA MET B 54 -21.04 -1.43 -15.04
C MET B 54 -21.02 -1.16 -13.55
N ARG B 55 -21.52 -2.11 -12.77
CA ARG B 55 -21.65 -1.98 -11.33
C ARG B 55 -21.04 -3.18 -10.64
N THR B 56 -20.51 -2.94 -9.44
CA THR B 56 -19.89 -4.00 -8.65
C THR B 56 -20.96 -4.96 -8.16
N ARG B 57 -21.04 -6.15 -8.77
CA ARG B 57 -21.99 -7.15 -8.34
C ARG B 57 -21.51 -7.92 -7.12
N ARG B 58 -20.21 -8.16 -7.02
CA ARG B 58 -19.64 -8.93 -5.92
C ARG B 58 -18.39 -8.23 -5.40
N THR B 59 -18.06 -8.51 -4.14
CA THR B 59 -16.79 -8.08 -3.56
C THR B 59 -16.25 -9.23 -2.73
N LEU B 60 -15.02 -9.64 -3.03
CA LEU B 60 -14.41 -10.80 -2.40
C LEU B 60 -13.39 -10.34 -1.38
N ARG B 61 -13.52 -10.85 -0.15
CA ARG B 61 -12.67 -10.47 0.97
C ARG B 61 -12.03 -11.71 1.57
N GLY B 62 -10.83 -11.54 2.13
CA GLY B 62 -10.10 -12.65 2.70
C GLY B 62 -8.60 -12.58 2.56
N HIS B 63 -8.11 -11.79 1.62
CA HIS B 63 -6.67 -11.58 1.47
C HIS B 63 -6.20 -10.52 2.45
N LEU B 64 -5.06 -10.77 3.08
CA LEU B 64 -4.54 -9.88 4.12
C LEU B 64 -3.56 -8.85 3.61
N ALA B 65 -3.20 -8.88 2.33
CA ALA B 65 -2.18 -7.98 1.79
C ALA B 65 -2.51 -7.69 0.33
N LYS B 66 -1.60 -7.00 -0.35
CA LYS B 66 -1.81 -6.61 -1.73
C LYS B 66 -2.02 -7.83 -2.62
N ILE B 67 -2.95 -7.70 -3.57
CA ILE B 67 -3.22 -8.75 -4.55
C ILE B 67 -2.41 -8.44 -5.79
N TYR B 68 -1.66 -9.44 -6.27
CA TYR B 68 -0.80 -9.25 -7.42
C TYR B 68 -1.34 -9.86 -8.70
N ALA B 69 -2.07 -10.97 -8.62
CA ALA B 69 -2.55 -11.65 -9.82
C ALA B 69 -3.88 -12.33 -9.52
N MET B 70 -4.67 -12.51 -10.58
CA MET B 70 -5.88 -13.33 -10.55
C MET B 70 -6.04 -13.97 -11.91
N HIS B 71 -6.84 -15.05 -11.95
CA HIS B 71 -7.11 -15.72 -13.21
C HIS B 71 -8.49 -16.39 -13.13
N TRP B 72 -9.23 -16.34 -14.24
CA TRP B 72 -10.53 -16.96 -14.33
C TRP B 72 -10.40 -18.41 -14.76
N GLY B 73 -11.31 -19.25 -14.28
CA GLY B 73 -11.44 -20.59 -14.81
C GLY B 73 -12.26 -20.63 -16.07
N THR B 74 -12.07 -21.69 -16.85
CA THR B 74 -12.77 -21.81 -18.12
C THR B 74 -14.27 -22.02 -17.98
N ASP B 75 -14.76 -22.36 -16.78
CA ASP B 75 -16.19 -22.46 -16.56
C ASP B 75 -16.82 -21.12 -16.22
N SER B 76 -16.04 -20.06 -16.14
CA SER B 76 -16.50 -18.68 -15.92
C SER B 76 -17.14 -18.50 -14.55
N ARG B 77 -16.89 -19.40 -13.62
CA ARG B 77 -17.41 -19.29 -12.26
C ARG B 77 -16.34 -19.26 -11.19
N LEU B 78 -15.32 -20.11 -11.30
CA LEU B 78 -14.25 -20.18 -10.32
C LEU B 78 -13.08 -19.31 -10.75
N LEU B 79 -12.40 -18.72 -9.77
CA LEU B 79 -11.25 -17.88 -10.07
C LEU B 79 -10.23 -18.01 -8.95
N VAL B 80 -8.95 -17.91 -9.30
CA VAL B 80 -7.86 -17.93 -8.34
C VAL B 80 -7.25 -16.54 -8.25
N SER B 81 -6.73 -16.21 -7.08
CA SER B 81 -6.04 -14.95 -6.85
C SER B 81 -4.84 -15.19 -5.94
N ALA B 82 -3.85 -14.30 -6.05
CA ALA B 82 -2.60 -14.40 -5.33
C ALA B 82 -2.33 -13.12 -4.57
N SER B 83 -1.86 -13.24 -3.34
CA SER B 83 -1.56 -12.10 -2.50
C SER B 83 -0.14 -12.23 -1.95
N GLN B 84 0.45 -11.08 -1.59
CA GLN B 84 1.78 -11.09 -1.00
C GLN B 84 1.70 -11.39 0.49
N ASP B 85 0.94 -12.42 0.84
CA ASP B 85 0.89 -12.92 2.20
C ASP B 85 1.06 -14.44 2.21
N GLY B 86 1.48 -15.02 1.10
CA GLY B 86 1.64 -16.46 1.00
C GLY B 86 0.35 -17.23 0.82
N LYS B 87 -0.69 -16.60 0.30
CA LYS B 87 -1.99 -17.24 0.13
C LYS B 87 -2.40 -17.28 -1.33
N LEU B 88 -3.01 -18.40 -1.71
CA LEU B 88 -3.57 -18.61 -3.04
C LEU B 88 -5.01 -19.06 -2.82
N ILE B 89 -5.98 -18.20 -3.11
CA ILE B 89 -7.37 -18.43 -2.77
C ILE B 89 -8.18 -18.70 -4.04
N ILE B 90 -8.95 -19.79 -4.03
CA ILE B 90 -9.90 -20.11 -5.10
C ILE B 90 -11.29 -19.75 -4.63
N TRP B 91 -12.01 -18.97 -5.44
CA TRP B 91 -13.31 -18.44 -5.09
C TRP B 91 -14.42 -19.08 -5.92
N ASP B 92 -15.63 -19.02 -5.36
CA ASP B 92 -16.87 -19.29 -6.10
C ASP B 92 -17.52 -17.93 -6.29
N SER B 93 -17.44 -17.39 -7.51
CA SER B 93 -17.83 -16.00 -7.73
C SER B 93 -19.34 -15.80 -7.63
N TYR B 94 -20.14 -16.83 -7.93
CA TYR B 94 -21.59 -16.69 -7.82
C TYR B 94 -22.01 -16.49 -6.37
N THR B 95 -21.57 -17.37 -5.48
CA THR B 95 -22.00 -17.40 -4.10
C THR B 95 -21.01 -16.75 -3.14
N THR B 96 -19.90 -16.21 -3.64
CA THR B 96 -18.87 -15.51 -2.88
C THR B 96 -18.13 -16.44 -1.92
N ASN B 97 -18.40 -17.74 -1.96
CA ASN B 97 -17.74 -18.67 -1.05
C ASN B 97 -16.31 -18.95 -1.50
N LYS B 98 -15.47 -19.33 -0.54
CA LYS B 98 -14.10 -19.69 -0.80
C LYS B 98 -13.98 -21.21 -0.85
N VAL B 99 -13.43 -21.72 -1.94
CA VAL B 99 -13.31 -23.16 -2.15
C VAL B 99 -12.00 -23.70 -1.61
N HIS B 100 -10.91 -22.95 -1.78
CA HIS B 100 -9.59 -23.38 -1.34
C HIS B 100 -8.81 -22.18 -0.83
N ALA B 101 -7.79 -22.46 -0.02
CA ALA B 101 -6.84 -21.45 0.42
C ALA B 101 -5.50 -22.14 0.62
N ILE B 102 -4.57 -21.90 -0.31
CA ILE B 102 -3.32 -22.64 -0.38
C ILE B 102 -2.21 -21.79 0.22
N PRO B 103 -1.56 -22.23 1.30
CA PRO B 103 -0.39 -21.51 1.79
C PRO B 103 0.83 -21.78 0.93
N LEU B 104 1.59 -20.72 0.63
CA LEU B 104 2.74 -20.79 -0.24
C LEU B 104 4.02 -20.73 0.59
N ARG B 105 5.03 -21.49 0.16
CA ARG B 105 6.32 -21.47 0.84
C ARG B 105 6.98 -20.10 0.75
N SER B 106 6.89 -19.46 -0.41
CA SER B 106 7.44 -18.12 -0.60
C SER B 106 6.34 -17.08 -0.56
N SER B 107 6.62 -15.96 0.10
CA SER B 107 5.65 -14.90 0.31
C SER B 107 5.66 -13.84 -0.79
N TRP B 108 6.50 -14.00 -1.81
CA TRP B 108 6.70 -12.94 -2.78
C TRP B 108 6.23 -13.37 -4.17
N VAL B 109 5.04 -13.99 -4.20
CA VAL B 109 4.44 -14.42 -5.46
C VAL B 109 4.08 -13.21 -6.31
N MET B 110 4.18 -13.36 -7.62
CA MET B 110 3.83 -12.31 -8.55
C MET B 110 2.95 -12.77 -9.72
N THR B 111 2.67 -14.06 -9.83
CA THR B 111 1.82 -14.57 -10.90
C THR B 111 1.08 -15.81 -10.43
N CYS B 112 -0.04 -16.08 -11.09
CA CYS B 112 -0.83 -17.29 -10.86
C CYS B 112 -1.61 -17.61 -12.12
N ALA B 113 -1.95 -18.88 -12.28
CA ALA B 113 -2.70 -19.32 -13.44
C ALA B 113 -3.64 -20.44 -13.03
N TYR B 114 -4.67 -20.64 -13.86
CA TYR B 114 -5.66 -21.69 -13.67
C TYR B 114 -5.63 -22.59 -14.91
N ALA B 115 -5.52 -23.89 -14.71
CA ALA B 115 -5.46 -24.80 -15.84
C ALA B 115 -6.79 -24.85 -16.58
N PRO B 116 -6.77 -24.95 -17.91
CA PRO B 116 -8.04 -25.04 -18.65
C PRO B 116 -8.90 -26.22 -18.24
N SER B 117 -8.28 -27.35 -17.89
CA SER B 117 -9.06 -28.48 -17.38
C SER B 117 -9.69 -28.15 -16.03
N GLY B 118 -8.98 -27.42 -15.18
CA GLY B 118 -9.46 -27.06 -13.86
C GLY B 118 -8.91 -27.89 -12.73
N ASN B 119 -7.97 -28.80 -13.02
CA ASN B 119 -7.39 -29.66 -11.99
C ASN B 119 -6.09 -29.13 -11.41
N TYR B 120 -5.55 -28.04 -11.96
CA TYR B 120 -4.27 -27.52 -11.51
C TYR B 120 -4.33 -26.00 -11.43
N VAL B 121 -3.49 -25.44 -10.56
CA VAL B 121 -3.16 -24.02 -10.56
C VAL B 121 -1.65 -23.89 -10.48
N ALA B 122 -1.13 -22.81 -11.04
CA ALA B 122 0.29 -22.50 -11.01
C ALA B 122 0.53 -21.22 -10.23
N CYS B 123 1.79 -20.97 -9.92
CA CYS B 123 2.16 -19.88 -9.02
C CYS B 123 3.66 -19.64 -9.14
N GLY B 124 4.09 -18.42 -8.88
CA GLY B 124 5.52 -18.12 -8.90
C GLY B 124 5.79 -16.66 -8.62
N GLY B 125 7.07 -16.38 -8.37
CA GLY B 125 7.50 -15.04 -8.04
C GLY B 125 9.00 -14.87 -7.86
N LEU B 126 9.39 -14.15 -6.80
CA LEU B 126 10.79 -13.82 -6.54
C LEU B 126 11.65 -15.04 -6.17
N ASP B 127 11.03 -16.18 -5.89
CA ASP B 127 11.79 -17.39 -5.60
C ASP B 127 12.35 -18.07 -6.84
N ASN B 128 12.03 -17.55 -8.03
CA ASN B 128 12.48 -18.09 -9.32
C ASN B 128 11.97 -19.50 -9.60
N ILE B 129 10.84 -19.88 -8.99
CA ILE B 129 10.28 -21.21 -9.14
C ILE B 129 8.83 -21.07 -9.57
N CYS B 130 8.40 -21.96 -10.47
CA CYS B 130 6.99 -22.10 -10.82
C CYS B 130 6.45 -23.36 -10.17
N SER B 131 5.48 -23.20 -9.27
CA SER B 131 4.91 -24.30 -8.52
C SER B 131 3.56 -24.70 -9.11
N ILE B 132 3.34 -26.01 -9.23
CA ILE B 132 2.10 -26.57 -9.73
C ILE B 132 1.38 -27.23 -8.57
N TYR B 133 0.08 -26.97 -8.44
CA TYR B 133 -0.74 -27.51 -7.36
C TYR B 133 -1.84 -28.38 -7.93
N ASN B 134 -2.03 -29.55 -7.33
CA ASN B 134 -3.10 -30.46 -7.72
C ASN B 134 -4.35 -30.13 -6.92
N LEU B 135 -5.43 -29.79 -7.62
CA LEU B 135 -6.67 -29.42 -6.94
C LEU B 135 -7.61 -30.59 -6.74
N LYS B 136 -7.51 -31.63 -7.55
CA LYS B 136 -8.36 -32.81 -7.45
C LYS B 136 -7.47 -34.01 -7.17
N THR B 137 -7.34 -34.37 -5.90
CA THR B 137 -6.50 -35.48 -5.48
C THR B 137 -7.29 -36.39 -4.55
N ARG B 138 -6.69 -37.53 -4.20
CA ARG B 138 -7.36 -38.51 -3.34
C ARG B 138 -7.61 -37.95 -1.95
N GLU B 139 -6.61 -37.28 -1.36
CA GLU B 139 -6.75 -36.77 -0.01
C GLU B 139 -7.69 -35.57 0.07
N GLY B 140 -7.93 -34.89 -1.04
CA GLY B 140 -8.79 -33.72 -1.03
C GLY B 140 -8.03 -32.44 -0.72
N ASN B 141 -6.92 -32.57 0.03
CA ASN B 141 -6.08 -31.44 0.34
C ASN B 141 -5.15 -31.11 -0.83
N VAL B 142 -4.96 -29.83 -1.07
CA VAL B 142 -4.13 -29.37 -2.19
C VAL B 142 -2.65 -29.50 -1.80
N ARG B 143 -1.88 -30.18 -2.65
CA ARG B 143 -0.46 -30.40 -2.41
C ARG B 143 0.32 -30.08 -3.67
N VAL B 144 1.59 -29.71 -3.48
CA VAL B 144 2.43 -29.30 -4.60
C VAL B 144 2.78 -30.52 -5.43
N SER B 145 2.55 -30.43 -6.74
CA SER B 145 2.82 -31.53 -7.65
C SER B 145 4.19 -31.44 -8.32
N ARG B 146 4.67 -30.23 -8.61
CA ARG B 146 5.96 -30.06 -9.24
C ARG B 146 6.49 -28.67 -8.94
N GLU B 147 7.82 -28.56 -8.92
CA GLU B 147 8.50 -27.28 -8.81
C GLU B 147 9.43 -27.15 -10.02
N LEU B 148 9.23 -26.10 -10.80
CA LEU B 148 9.97 -25.91 -12.05
C LEU B 148 11.11 -24.93 -11.81
N ALA B 149 12.33 -25.45 -11.76
CA ALA B 149 13.52 -24.66 -11.54
C ALA B 149 14.33 -24.57 -12.83
N GLY B 150 15.03 -23.45 -13.00
CA GLY B 150 15.81 -23.24 -14.20
C GLY B 150 15.90 -21.79 -14.65
N HIS B 151 14.95 -20.97 -14.20
CA HIS B 151 15.02 -19.53 -14.47
C HIS B 151 15.99 -18.88 -13.50
N THR B 152 16.74 -17.89 -13.99
CA THR B 152 17.67 -17.13 -13.17
C THR B 152 17.15 -15.73 -12.87
N GLY B 153 15.83 -15.56 -12.85
CA GLY B 153 15.22 -14.30 -12.53
C GLY B 153 13.82 -14.58 -12.03
N TYR B 154 13.16 -13.54 -11.53
CA TYR B 154 11.84 -13.71 -10.94
C TYR B 154 10.83 -14.12 -12.01
N LEU B 155 9.92 -15.01 -11.61
CA LEU B 155 8.80 -15.39 -12.47
C LEU B 155 7.78 -14.25 -12.51
N SER B 156 7.50 -13.77 -13.72
CA SER B 156 6.56 -12.67 -13.89
C SER B 156 5.23 -13.08 -14.50
N CYS B 157 5.17 -14.21 -15.19
CA CYS B 157 3.93 -14.69 -15.78
C CYS B 157 4.06 -16.18 -16.10
N CYS B 158 2.92 -16.86 -16.11
CA CYS B 158 2.83 -18.26 -16.52
C CYS B 158 1.44 -18.51 -17.06
N ARG B 159 1.34 -19.42 -18.03
CA ARG B 159 0.06 -19.77 -18.63
C ARG B 159 0.07 -21.23 -19.03
N PHE B 160 -0.93 -21.97 -18.56
CA PHE B 160 -1.06 -23.38 -18.91
C PHE B 160 -1.44 -23.53 -20.39
N LEU B 161 -0.77 -24.43 -21.10
CA LEU B 161 -1.22 -24.84 -22.43
C LEU B 161 -2.18 -26.00 -22.34
N ASP B 162 -1.84 -27.01 -21.55
CA ASP B 162 -2.72 -28.12 -21.20
C ASP B 162 -2.31 -28.60 -19.82
N ASP B 163 -2.73 -29.81 -19.47
CA ASP B 163 -2.39 -30.36 -18.15
C ASP B 163 -0.91 -30.71 -18.02
N ASN B 164 -0.16 -30.75 -19.13
CA ASN B 164 1.23 -31.19 -19.10
C ASN B 164 2.21 -30.16 -19.64
N GLN B 165 1.76 -29.00 -20.11
CA GLN B 165 2.63 -27.96 -20.61
C GLN B 165 2.25 -26.61 -20.03
N ILE B 166 3.25 -25.76 -19.87
CA ILE B 166 3.07 -24.41 -19.34
C ILE B 166 4.21 -23.54 -19.86
N VAL B 167 3.90 -22.30 -20.20
CA VAL B 167 4.89 -21.33 -20.67
C VAL B 167 5.05 -20.27 -19.60
N THR B 168 6.29 -19.97 -19.23
CA THR B 168 6.61 -19.01 -18.19
C THR B 168 7.54 -17.95 -18.74
N SER B 169 7.37 -16.72 -18.26
CA SER B 169 8.27 -15.61 -18.57
C SER B 169 8.97 -15.17 -17.30
N SER B 170 10.19 -14.66 -17.44
CA SER B 170 11.04 -14.41 -16.29
C SER B 170 11.78 -13.09 -16.45
N GLY B 171 12.32 -12.60 -15.34
CA GLY B 171 13.14 -11.41 -15.26
C GLY B 171 14.57 -11.58 -15.70
N ASP B 172 14.98 -12.79 -16.08
CA ASP B 172 16.26 -13.03 -16.73
C ASP B 172 16.17 -12.89 -18.25
N THR B 173 15.19 -12.14 -18.75
CA THR B 173 15.02 -11.84 -20.18
C THR B 173 14.74 -13.10 -21.00
N THR B 174 14.08 -14.09 -20.42
CA THR B 174 13.89 -15.37 -21.08
C THR B 174 12.48 -15.92 -20.82
N CYS B 175 11.89 -16.51 -21.86
CA CYS B 175 10.67 -17.28 -21.77
C CYS B 175 10.99 -18.75 -22.01
N ALA B 176 10.26 -19.64 -21.33
CA ALA B 176 10.53 -21.06 -21.43
C ALA B 176 9.23 -21.84 -21.55
N LEU B 177 9.30 -22.98 -22.22
CA LEU B 177 8.21 -23.94 -22.28
C LEU B 177 8.62 -25.19 -21.52
N TRP B 178 7.74 -25.67 -20.65
CA TRP B 178 8.07 -26.73 -19.72
C TRP B 178 7.24 -27.97 -20.00
N ASP B 179 7.80 -29.12 -19.62
CA ASP B 179 7.07 -30.38 -19.54
C ASP B 179 6.87 -30.68 -18.06
N ILE B 180 5.65 -30.53 -17.57
CA ILE B 180 5.38 -30.64 -16.15
C ILE B 180 5.65 -32.05 -15.63
N GLU B 181 5.47 -33.07 -16.49
CA GLU B 181 5.70 -34.44 -16.05
C GLU B 181 7.15 -34.68 -15.67
N THR B 182 8.09 -34.16 -16.47
CA THR B 182 9.51 -34.33 -16.20
C THR B 182 10.14 -33.11 -15.53
N GLY B 183 9.47 -31.96 -15.55
CA GLY B 183 10.03 -30.75 -14.98
C GLY B 183 11.24 -30.22 -15.73
N GLN B 184 11.24 -30.33 -17.05
CA GLN B 184 12.36 -29.88 -17.87
C GLN B 184 11.90 -28.86 -18.89
N GLN B 185 12.80 -27.93 -19.23
CA GLN B 185 12.53 -26.93 -20.25
C GLN B 185 12.63 -27.58 -21.62
N THR B 186 11.50 -27.70 -22.31
CA THR B 186 11.52 -28.26 -23.67
C THR B 186 12.06 -27.25 -24.67
N THR B 187 11.67 -25.98 -24.53
CA THR B 187 12.11 -24.94 -25.43
C THR B 187 12.48 -23.69 -24.62
N THR B 188 13.38 -22.90 -25.18
CA THR B 188 13.78 -21.63 -24.59
C THR B 188 13.66 -20.55 -25.64
N PHE B 189 13.02 -19.44 -25.28
CA PHE B 189 12.76 -18.35 -26.20
C PHE B 189 13.62 -17.16 -25.77
N THR B 190 14.63 -16.85 -26.57
CA THR B 190 15.58 -15.78 -26.26
C THR B 190 15.52 -14.71 -27.35
N GLY B 191 15.92 -13.50 -26.97
CA GLY B 191 15.90 -12.39 -27.90
C GLY B 191 15.57 -11.06 -27.24
N HIS B 192 14.82 -11.10 -26.14
CA HIS B 192 14.56 -9.90 -25.38
C HIS B 192 15.81 -9.46 -24.63
N THR B 193 16.01 -8.15 -24.54
CA THR B 193 17.14 -7.60 -23.79
C THR B 193 16.76 -7.10 -22.41
N GLY B 194 15.50 -6.72 -22.19
CA GLY B 194 15.00 -6.36 -20.89
C GLY B 194 14.24 -7.50 -20.24
N ASP B 195 13.79 -7.25 -19.01
CA ASP B 195 13.02 -8.24 -18.28
C ASP B 195 11.65 -8.45 -18.92
N VAL B 196 11.27 -9.70 -19.12
CA VAL B 196 9.97 -10.02 -19.70
C VAL B 196 8.91 -9.93 -18.61
N MET B 197 7.85 -9.15 -18.87
CA MET B 197 6.87 -8.83 -17.84
C MET B 197 5.54 -9.55 -18.00
N SER B 198 5.15 -9.93 -19.22
CA SER B 198 3.81 -10.45 -19.43
C SER B 198 3.80 -11.45 -20.58
N LEU B 199 2.75 -12.27 -20.60
CA LEU B 199 2.54 -13.31 -21.61
C LEU B 199 1.09 -13.32 -22.04
N SER B 200 0.84 -13.86 -23.24
CA SER B 200 -0.52 -14.05 -23.72
C SER B 200 -0.51 -15.14 -24.76
N LEU B 201 -1.27 -16.21 -24.53
CA LEU B 201 -1.38 -17.33 -25.45
C LEU B 201 -2.47 -17.07 -26.48
N ALA B 202 -2.22 -17.53 -27.70
CA ALA B 202 -3.22 -17.42 -28.76
C ALA B 202 -4.38 -18.37 -28.47
N PRO B 203 -5.54 -18.12 -29.08
CA PRO B 203 -6.68 -19.03 -28.88
C PRO B 203 -6.40 -20.48 -29.25
N ASP B 204 -5.54 -20.73 -30.22
CA ASP B 204 -5.19 -22.09 -30.61
C ASP B 204 -3.97 -22.64 -29.86
N THR B 205 -3.36 -21.83 -28.99
CA THR B 205 -2.14 -22.20 -28.26
C THR B 205 -1.04 -22.67 -29.22
N ARG B 206 -0.92 -21.97 -30.34
CA ARG B 206 0.13 -22.22 -31.32
C ARG B 206 1.15 -21.10 -31.37
N LEU B 207 0.81 -19.91 -30.89
CA LEU B 207 1.72 -18.79 -30.78
C LEU B 207 1.45 -18.10 -29.46
N PHE B 208 2.42 -17.29 -29.01
CA PHE B 208 2.21 -16.43 -27.86
C PHE B 208 3.03 -15.16 -28.05
N VAL B 209 2.56 -14.08 -27.44
CA VAL B 209 3.25 -12.79 -27.47
C VAL B 209 3.72 -12.48 -26.06
N SER B 210 4.86 -11.79 -25.98
CA SER B 210 5.42 -11.35 -24.71
C SER B 210 5.87 -9.90 -24.83
N GLY B 211 5.81 -9.18 -23.72
CA GLY B 211 6.28 -7.81 -23.68
C GLY B 211 7.29 -7.59 -22.57
N ALA B 212 8.45 -7.06 -22.91
CA ALA B 212 9.56 -6.93 -21.96
C ALA B 212 9.82 -5.46 -21.63
N CYS B 213 10.86 -5.23 -20.83
CA CYS B 213 11.23 -3.91 -20.37
C CYS B 213 12.09 -3.16 -21.38
N ASP B 214 12.48 -3.78 -22.48
CA ASP B 214 13.13 -3.08 -23.58
C ASP B 214 12.13 -2.38 -24.50
N ALA B 215 10.88 -2.23 -24.04
CA ALA B 215 9.83 -1.55 -24.78
C ALA B 215 9.55 -2.21 -26.13
N SER B 216 9.64 -3.54 -26.17
CA SER B 216 9.36 -4.28 -27.38
C SER B 216 8.47 -5.47 -27.06
N ALA B 217 7.73 -5.91 -28.07
CA ALA B 217 6.91 -7.11 -27.99
C ALA B 217 7.35 -8.07 -29.07
N LYS B 218 7.28 -9.37 -28.79
CA LYS B 218 7.72 -10.38 -29.73
C LYS B 218 6.67 -11.47 -29.87
N LEU B 219 6.62 -12.07 -31.05
CA LEU B 219 5.70 -13.16 -31.35
C LEU B 219 6.51 -14.45 -31.56
N TRP B 220 6.16 -15.49 -30.80
CA TRP B 220 6.96 -16.70 -30.74
C TRP B 220 6.18 -17.90 -31.27
N ASP B 221 6.87 -18.75 -32.01
CA ASP B 221 6.32 -20.02 -32.46
C ASP B 221 6.61 -21.07 -31.39
N VAL B 222 5.55 -21.62 -30.80
CA VAL B 222 5.72 -22.51 -29.66
C VAL B 222 6.46 -23.79 -30.07
N ARG B 223 6.05 -24.40 -31.18
CA ARG B 223 6.71 -25.64 -31.61
C ARG B 223 8.07 -25.35 -32.23
N GLU B 224 8.18 -24.28 -33.03
CA GLU B 224 9.44 -23.99 -33.70
C GLU B 224 10.47 -23.38 -32.77
N GLY B 225 10.04 -22.57 -31.80
CA GLY B 225 10.96 -22.00 -30.84
C GLY B 225 11.71 -20.77 -31.33
N MET B 226 11.17 -20.05 -32.30
CA MET B 226 11.85 -18.90 -32.87
C MET B 226 10.93 -17.69 -32.81
N CYS B 227 11.55 -16.51 -32.79
CA CYS B 227 10.81 -15.25 -32.83
C CYS B 227 10.51 -14.90 -34.28
N ARG B 228 9.24 -14.69 -34.59
CA ARG B 228 8.82 -14.39 -35.95
C ARG B 228 8.65 -12.91 -36.21
N GLN B 229 8.16 -12.15 -35.25
CA GLN B 229 7.91 -10.72 -35.45
C GLN B 229 8.24 -9.97 -34.16
N THR B 230 8.74 -8.74 -34.32
CA THR B 230 9.05 -7.87 -33.20
C THR B 230 8.33 -6.54 -33.41
N PHE B 231 7.68 -6.04 -32.37
CA PHE B 231 6.83 -4.88 -32.45
C PHE B 231 7.36 -3.79 -31.52
N THR B 232 7.50 -2.58 -32.05
CA THR B 232 8.05 -1.46 -31.31
C THR B 232 7.13 -0.25 -31.43
N GLY B 233 7.32 0.71 -30.54
CA GLY B 233 6.50 1.90 -30.53
C GLY B 233 6.24 2.45 -29.14
N HIS B 234 6.40 1.62 -28.12
CA HIS B 234 6.26 2.08 -26.74
C HIS B 234 7.54 2.74 -26.27
N GLU B 235 7.39 3.83 -25.51
CA GLU B 235 8.54 4.58 -25.02
C GLU B 235 9.04 4.10 -23.67
N SER B 236 8.37 3.15 -23.03
CA SER B 236 8.78 2.69 -21.71
C SER B 236 8.47 1.21 -21.60
N ASP B 237 8.58 0.69 -20.38
CA ASP B 237 8.39 -0.74 -20.12
C ASP B 237 6.95 -1.16 -20.43
N ILE B 238 6.82 -2.31 -21.08
CA ILE B 238 5.51 -2.91 -21.35
C ILE B 238 5.16 -3.82 -20.18
N ASN B 239 4.03 -3.56 -19.54
CA ASN B 239 3.63 -4.30 -18.36
C ASN B 239 2.53 -5.32 -18.62
N ALA B 240 1.72 -5.12 -19.65
CA ALA B 240 0.57 -5.95 -19.92
C ALA B 240 0.47 -6.23 -21.41
N ILE B 241 -0.08 -7.38 -21.76
CA ILE B 241 -0.24 -7.81 -23.14
C ILE B 241 -1.41 -8.78 -23.23
N CYS B 242 -2.15 -8.71 -24.34
CA CYS B 242 -3.39 -9.47 -24.49
C CYS B 242 -3.71 -9.67 -25.96
N PHE B 243 -4.06 -10.89 -26.34
CA PHE B 243 -4.52 -11.17 -27.69
C PHE B 243 -5.95 -10.70 -27.93
N PHE B 244 -6.20 -10.22 -29.14
CA PHE B 244 -7.53 -9.99 -29.64
C PHE B 244 -8.28 -11.33 -29.78
N PRO B 245 -9.60 -11.33 -29.55
CA PRO B 245 -10.35 -12.59 -29.66
C PRO B 245 -10.22 -13.28 -31.01
N ASN B 246 -10.00 -12.52 -32.07
CA ASN B 246 -9.76 -13.12 -33.38
C ASN B 246 -8.47 -13.93 -33.38
N GLY B 247 -7.44 -13.44 -32.70
CA GLY B 247 -6.13 -14.06 -32.74
C GLY B 247 -5.18 -13.50 -33.76
N ASN B 248 -5.56 -12.42 -34.45
CA ASN B 248 -4.72 -11.76 -35.44
C ASN B 248 -4.30 -10.37 -35.01
N ALA B 249 -4.44 -10.04 -33.73
CA ALA B 249 -4.02 -8.75 -33.21
C ALA B 249 -3.85 -8.90 -31.70
N PHE B 250 -3.18 -7.92 -31.10
CA PHE B 250 -2.98 -7.92 -29.66
C PHE B 250 -2.82 -6.49 -29.18
N ALA B 251 -2.96 -6.28 -27.88
CA ALA B 251 -2.85 -4.96 -27.28
C ALA B 251 -1.85 -4.99 -26.14
N THR B 252 -1.14 -3.87 -25.97
CA THR B 252 -0.08 -3.74 -24.98
C THR B 252 -0.33 -2.53 -24.10
N GLY B 253 0.05 -2.64 -22.84
CA GLY B 253 0.00 -1.52 -21.91
C GLY B 253 1.38 -1.26 -21.33
N SER B 254 1.74 0.01 -21.21
CA SER B 254 3.09 0.41 -20.85
C SER B 254 3.08 1.44 -19.72
N ASP B 255 4.28 1.79 -19.25
CA ASP B 255 4.43 2.81 -18.23
C ASP B 255 4.28 4.22 -18.76
N ASP B 256 4.31 4.43 -20.08
CA ASP B 256 4.13 5.75 -20.65
C ASP B 256 2.68 6.18 -20.72
N ALA B 257 1.79 5.49 -20.00
CA ALA B 257 0.38 5.87 -19.89
C ALA B 257 -0.33 5.80 -21.24
N THR B 258 -0.08 4.72 -21.98
CA THR B 258 -0.76 4.53 -23.26
C THR B 258 -0.91 3.05 -23.53
N CYS B 259 -1.92 2.72 -24.34
CA CYS B 259 -2.16 1.37 -24.84
C CYS B 259 -2.13 1.41 -26.35
N ARG B 260 -1.53 0.41 -26.97
CA ARG B 260 -1.43 0.33 -28.41
C ARG B 260 -1.92 -1.02 -28.90
N LEU B 261 -2.44 -1.04 -30.13
CA LEU B 261 -2.93 -2.25 -30.76
C LEU B 261 -2.06 -2.57 -31.96
N PHE B 262 -1.58 -3.81 -32.03
CA PHE B 262 -0.71 -4.26 -33.11
C PHE B 262 -1.39 -5.37 -33.89
N ASP B 263 -1.21 -5.34 -35.21
CA ASP B 263 -1.76 -6.35 -36.10
C ASP B 263 -0.64 -7.29 -36.54
N LEU B 264 -0.88 -8.60 -36.45
CA LEU B 264 0.14 -9.56 -36.84
C LEU B 264 0.37 -9.56 -38.34
N ARG B 265 -0.70 -9.51 -39.14
CA ARG B 265 -0.56 -9.58 -40.58
C ARG B 265 -0.04 -8.26 -41.16
N ALA B 266 -0.51 -7.13 -40.65
CA ALA B 266 0.02 -5.84 -41.07
C ALA B 266 1.40 -5.58 -40.48
N ASP B 267 1.74 -6.23 -39.37
CA ASP B 267 3.06 -6.15 -38.75
C ASP B 267 3.38 -4.71 -38.31
N GLN B 268 2.36 -3.99 -37.83
CA GLN B 268 2.57 -2.63 -37.37
C GLN B 268 1.44 -2.25 -36.43
N GLU B 269 1.66 -1.17 -35.68
CA GLU B 269 0.65 -0.64 -34.78
C GLU B 269 -0.49 0.01 -35.56
N LEU B 270 -1.71 -0.18 -35.09
CA LEU B 270 -2.91 0.36 -35.72
C LEU B 270 -3.52 1.53 -34.96
N MET B 271 -3.68 1.42 -33.65
CA MET B 271 -4.38 2.43 -32.86
C MET B 271 -3.64 2.65 -31.55
N THR B 272 -3.80 3.84 -30.99
CA THR B 272 -3.20 4.21 -29.72
C THR B 272 -4.30 4.70 -28.78
N TYR B 273 -4.30 4.21 -27.54
CA TYR B 273 -5.34 4.48 -26.56
C TYR B 273 -4.74 5.30 -25.43
N SER B 274 -4.78 6.63 -25.60
CA SER B 274 -4.22 7.54 -24.61
C SER B 274 -5.14 8.74 -24.43
N HIS B 275 -5.01 9.39 -23.28
CA HIS B 275 -5.77 10.59 -22.97
C HIS B 275 -4.83 11.62 -22.35
N ASP B 276 -5.21 12.89 -22.48
CA ASP B 276 -4.34 13.97 -22.01
C ASP B 276 -4.20 13.99 -20.49
N ASN B 277 -5.25 13.61 -19.77
CA ASN B 277 -5.25 13.61 -18.31
C ASN B 277 -4.89 12.25 -17.72
N ILE B 278 -4.03 11.50 -18.40
CA ILE B 278 -3.55 10.20 -17.93
C ILE B 278 -2.03 10.23 -17.98
N ILE B 279 -1.39 10.00 -16.82
CA ILE B 279 0.06 10.06 -16.74
C ILE B 279 0.60 8.82 -16.04
N CYS B 280 -0.29 8.07 -15.38
CA CYS B 280 0.10 6.85 -14.71
C CYS B 280 0.14 5.68 -15.69
N GLY B 281 1.00 4.70 -15.38
CA GLY B 281 1.16 3.56 -16.25
C GLY B 281 0.01 2.57 -16.16
N ILE B 282 -0.06 1.70 -17.17
CA ILE B 282 -1.06 0.64 -17.24
C ILE B 282 -0.47 -0.61 -16.60
N THR B 283 -1.22 -1.21 -15.68
CA THR B 283 -0.78 -2.44 -15.02
C THR B 283 -1.33 -3.69 -15.71
N SER B 284 -2.57 -3.63 -16.20
CA SER B 284 -3.24 -4.78 -16.76
C SER B 284 -4.12 -4.31 -17.91
N VAL B 285 -4.41 -5.24 -18.83
CA VAL B 285 -5.19 -4.93 -20.02
C VAL B 285 -5.93 -6.20 -20.44
N SER B 286 -7.14 -6.02 -20.99
CA SER B 286 -7.97 -7.17 -21.36
C SER B 286 -8.98 -6.73 -22.40
N PHE B 287 -9.55 -7.71 -23.09
CA PHE B 287 -10.53 -7.51 -24.14
C PHE B 287 -11.87 -8.10 -23.73
N SER B 288 -12.93 -7.69 -24.44
CA SER B 288 -14.24 -8.30 -24.28
C SER B 288 -14.43 -9.45 -25.26
N LYS B 289 -15.53 -10.17 -25.10
CA LYS B 289 -15.76 -11.37 -25.89
C LYS B 289 -15.84 -11.06 -27.38
N SER B 290 -16.48 -9.96 -27.73
CA SER B 290 -16.54 -9.53 -29.13
C SER B 290 -15.28 -8.83 -29.59
N GLY B 291 -14.41 -8.40 -28.66
CA GLY B 291 -13.25 -7.62 -29.01
C GLY B 291 -13.51 -6.15 -29.20
N ARG B 292 -14.75 -5.68 -28.97
CA ARG B 292 -15.08 -4.28 -29.18
C ARG B 292 -14.57 -3.39 -28.05
N LEU B 293 -14.57 -3.88 -26.82
CA LEU B 293 -14.14 -3.10 -25.68
C LEU B 293 -12.74 -3.52 -25.25
N LEU B 294 -11.96 -2.54 -24.82
CA LEU B 294 -10.61 -2.75 -24.30
C LEU B 294 -10.56 -2.19 -22.89
N LEU B 295 -10.42 -3.07 -21.90
CA LEU B 295 -10.39 -2.69 -20.50
C LEU B 295 -8.95 -2.70 -20.02
N ALA B 296 -8.56 -1.65 -19.29
CA ALA B 296 -7.19 -1.49 -18.84
C ALA B 296 -7.16 -0.99 -17.41
N GLY B 297 -6.26 -1.54 -16.61
CA GLY B 297 -6.07 -1.08 -15.25
C GLY B 297 -4.92 -0.08 -15.14
N TYR B 298 -5.01 0.80 -14.15
CA TYR B 298 -4.11 1.93 -14.05
C TYR B 298 -3.61 2.10 -12.63
N ASP B 299 -2.55 2.88 -12.48
CA ASP B 299 -1.98 3.19 -11.18
C ASP B 299 -2.80 4.22 -10.41
N ASP B 300 -3.67 4.98 -11.09
CA ASP B 300 -4.49 5.99 -10.44
C ASP B 300 -5.76 5.41 -9.83
N PHE B 301 -5.76 4.10 -9.58
CA PHE B 301 -6.71 3.34 -8.77
C PHE B 301 -7.99 2.95 -9.51
N ASN B 302 -8.13 3.23 -10.81
CA ASN B 302 -9.36 2.87 -11.50
C ASN B 302 -9.05 2.26 -12.86
N CYS B 303 -10.06 1.60 -13.42
CA CYS B 303 -9.97 0.90 -14.69
C CYS B 303 -10.78 1.65 -15.73
N ASN B 304 -10.18 1.91 -16.88
CA ASN B 304 -10.84 2.62 -17.98
C ASN B 304 -11.28 1.65 -19.06
N VAL B 305 -12.43 1.93 -19.66
CA VAL B 305 -13.00 1.13 -20.73
C VAL B 305 -12.84 1.91 -22.04
N TRP B 306 -12.27 1.26 -23.05
CA TRP B 306 -11.98 1.90 -24.31
C TRP B 306 -12.77 1.24 -25.42
N ASP B 307 -13.10 2.03 -26.44
CA ASP B 307 -13.66 1.51 -27.68
C ASP B 307 -12.49 1.10 -28.56
N ALA B 308 -12.38 -0.21 -28.84
CA ALA B 308 -11.21 -0.71 -29.54
C ALA B 308 -11.12 -0.18 -30.96
N LEU B 309 -12.24 0.15 -31.58
CA LEU B 309 -12.26 0.59 -32.98
C LEU B 309 -12.22 2.10 -33.13
N LYS B 310 -12.42 2.87 -32.06
CA LYS B 310 -12.44 4.31 -32.13
C LYS B 310 -11.47 5.01 -31.19
N ALA B 311 -10.87 4.29 -30.25
CA ALA B 311 -9.96 4.86 -29.26
C ALA B 311 -10.64 5.97 -28.45
N ASP B 312 -11.90 5.75 -28.11
CA ASP B 312 -12.66 6.65 -27.26
C ASP B 312 -12.99 5.96 -25.95
N ARG B 313 -12.79 6.66 -24.83
CA ARG B 313 -13.05 6.08 -23.53
C ARG B 313 -14.57 5.96 -23.33
N ALA B 314 -15.05 4.73 -23.25
CA ALA B 314 -16.48 4.45 -23.16
C ALA B 314 -16.97 4.25 -21.73
N GLY B 315 -16.10 4.39 -20.73
CA GLY B 315 -16.53 4.20 -19.37
C GLY B 315 -15.33 4.18 -18.44
N VAL B 316 -15.64 4.11 -17.15
CA VAL B 316 -14.63 4.03 -16.09
C VAL B 316 -15.17 3.13 -14.99
N LEU B 317 -14.35 2.18 -14.54
CA LEU B 317 -14.68 1.36 -13.37
C LEU B 317 -13.91 1.91 -12.18
N ALA B 318 -14.63 2.56 -11.26
CA ALA B 318 -14.03 3.18 -10.09
C ALA B 318 -14.61 2.56 -8.83
N GLY B 319 -13.80 2.52 -7.77
CA GLY B 319 -14.22 1.88 -6.54
C GLY B 319 -13.16 1.04 -5.88
N HIS B 320 -11.92 1.15 -6.32
CA HIS B 320 -10.80 0.49 -5.68
C HIS B 320 -9.98 1.54 -4.93
N ASP B 321 -9.63 1.22 -3.68
CA ASP B 321 -8.95 2.19 -2.83
C ASP B 321 -7.46 2.33 -3.15
N ASN B 322 -6.89 1.38 -3.89
CA ASN B 322 -5.46 1.39 -4.16
C ASN B 322 -5.25 1.00 -5.62
N ARG B 323 -3.99 0.73 -5.95
CA ARG B 323 -3.58 0.45 -7.32
C ARG B 323 -4.28 -0.80 -7.87
N VAL B 324 -4.80 -0.69 -9.08
CA VAL B 324 -5.38 -1.84 -9.77
C VAL B 324 -4.24 -2.66 -10.37
N SER B 325 -4.02 -3.86 -9.86
CA SER B 325 -2.88 -4.68 -10.27
C SER B 325 -3.22 -5.72 -11.31
N CYS B 326 -4.45 -6.21 -11.35
CA CYS B 326 -4.81 -7.33 -12.21
C CYS B 326 -6.27 -7.18 -12.66
N LEU B 327 -6.61 -7.93 -13.69
CA LEU B 327 -7.82 -7.68 -14.47
C LEU B 327 -8.16 -8.95 -15.22
N GLY B 328 -9.44 -9.22 -15.41
CA GLY B 328 -9.82 -10.40 -16.15
C GLY B 328 -11.27 -10.51 -16.59
N VAL B 329 -11.49 -11.01 -17.81
CA VAL B 329 -12.82 -11.11 -18.40
C VAL B 329 -13.11 -12.59 -18.63
N THR B 330 -14.33 -13.01 -18.26
CA THR B 330 -14.70 -14.42 -18.34
C THR B 330 -14.79 -14.88 -19.79
N ASP B 331 -14.83 -16.20 -19.97
CA ASP B 331 -14.85 -16.78 -21.29
C ASP B 331 -16.18 -16.58 -22.01
N ASP B 332 -17.26 -16.32 -21.29
CA ASP B 332 -18.55 -16.02 -21.91
C ASP B 332 -18.82 -14.52 -22.01
N GLY B 333 -17.95 -13.69 -21.45
CA GLY B 333 -18.14 -12.26 -21.50
C GLY B 333 -19.09 -11.71 -20.46
N MET B 334 -19.49 -12.51 -19.49
CA MET B 334 -20.52 -12.08 -18.53
C MET B 334 -19.99 -11.01 -17.59
N ALA B 335 -18.80 -11.21 -17.02
CA ALA B 335 -18.34 -10.38 -15.93
C ALA B 335 -16.87 -10.00 -16.12
N VAL B 336 -16.44 -9.02 -15.33
CA VAL B 336 -15.06 -8.57 -15.28
C VAL B 336 -14.62 -8.60 -13.83
N ALA B 337 -13.45 -9.15 -13.57
CA ALA B 337 -12.86 -9.16 -12.24
C ALA B 337 -11.65 -8.24 -12.20
N THR B 338 -11.51 -7.47 -11.13
CA THR B 338 -10.35 -6.63 -10.89
C THR B 338 -9.84 -6.88 -9.49
N GLY B 339 -8.54 -7.10 -9.36
CA GLY B 339 -7.90 -7.14 -8.06
C GLY B 339 -7.07 -5.90 -7.84
N SER B 340 -6.71 -5.60 -6.60
CA SER B 340 -6.04 -4.35 -6.31
C SER B 340 -5.13 -4.51 -5.09
N TRP B 341 -4.29 -3.50 -4.88
CA TRP B 341 -3.38 -3.48 -3.74
C TRP B 341 -4.10 -3.23 -2.42
N ASP B 342 -5.38 -2.88 -2.45
CA ASP B 342 -6.18 -2.75 -1.24
C ASP B 342 -6.73 -4.09 -0.76
N SER B 343 -6.33 -5.19 -1.41
CA SER B 343 -6.62 -6.56 -0.98
C SER B 343 -8.06 -6.99 -1.23
N PHE B 344 -8.71 -6.43 -2.24
CA PHE B 344 -10.09 -6.76 -2.54
C PHE B 344 -10.23 -7.11 -4.01
N LEU B 345 -11.09 -8.09 -4.30
CA LEU B 345 -11.46 -8.45 -5.65
C LEU B 345 -12.89 -8.01 -5.90
N LYS B 346 -13.11 -7.32 -6.99
CA LYS B 346 -14.45 -6.83 -7.36
C LYS B 346 -14.88 -7.41 -8.69
N ILE B 347 -16.12 -7.80 -8.80
CA ILE B 347 -16.71 -8.35 -10.01
C ILE B 347 -17.74 -7.37 -10.53
N TRP B 348 -17.62 -7.01 -11.81
CA TRP B 348 -18.46 -6.00 -12.44
C TRP B 348 -19.21 -6.63 -13.60
N ASN B 349 -20.47 -6.26 -13.75
CA ASN B 349 -21.30 -6.79 -14.83
C ASN B 349 -22.07 -5.64 -15.46
N GLY B 350 -22.44 -5.84 -16.72
CA GLY B 350 -23.20 -4.83 -17.44
C GLY B 350 -24.58 -4.58 -16.86
N THR C 6 35.53 -13.72 -30.39
CA THR C 6 34.90 -13.31 -29.14
C THR C 6 33.40 -13.51 -29.19
N ALA C 7 32.73 -13.21 -28.07
CA ALA C 7 31.27 -13.36 -28.02
C ALA C 7 30.55 -12.18 -28.66
N SER C 8 31.21 -11.01 -28.75
CA SER C 8 30.57 -9.86 -29.36
C SER C 8 30.26 -10.09 -30.83
N ILE C 9 31.21 -10.67 -31.57
CA ILE C 9 30.98 -10.93 -32.98
C ILE C 9 29.88 -11.97 -33.15
N ALA C 10 29.81 -12.95 -32.24
CA ALA C 10 28.74 -13.94 -32.29
C ALA C 10 27.38 -13.30 -32.05
N GLN C 11 27.29 -12.40 -31.06
CA GLN C 11 26.03 -11.72 -30.81
C GLN C 11 25.63 -10.86 -31.99
N ALA C 12 26.57 -10.15 -32.58
CA ALA C 12 26.25 -9.30 -33.73
C ALA C 12 25.78 -10.13 -34.92
N ARG C 13 26.45 -11.24 -35.21
CA ARG C 13 26.03 -12.07 -36.34
C ARG C 13 24.69 -12.75 -36.07
N LYS C 14 24.44 -13.13 -34.82
CA LYS C 14 23.13 -13.70 -34.48
C LYS C 14 22.02 -12.67 -34.65
N LEU C 15 22.27 -11.43 -34.22
CA LEU C 15 21.28 -10.36 -34.40
C LEU C 15 21.02 -10.10 -35.87
N VAL C 16 22.08 -10.08 -36.68
CA VAL C 16 21.90 -9.87 -38.12
C VAL C 16 21.10 -11.01 -38.74
N GLU C 17 21.42 -12.26 -38.34
CA GLU C 17 20.68 -13.40 -38.87
C GLU C 17 19.21 -13.35 -38.49
N GLN C 18 18.92 -12.98 -37.23
CA GLN C 18 17.52 -12.85 -36.82
C GLN C 18 16.81 -11.74 -37.60
N LEU C 19 17.49 -10.62 -37.83
CA LEU C 19 16.90 -9.55 -38.62
C LEU C 19 16.65 -10.00 -40.05
N LYS C 20 17.46 -10.92 -40.57
CA LYS C 20 17.24 -11.43 -41.92
C LYS C 20 15.92 -12.18 -42.02
N MET C 21 15.61 -13.02 -41.02
CA MET C 21 14.39 -13.82 -41.07
C MET C 21 13.15 -12.95 -40.94
N GLU C 22 13.20 -11.93 -40.09
CA GLU C 22 12.03 -11.10 -39.83
C GLU C 22 11.71 -10.13 -40.96
N ALA C 23 12.61 -9.98 -41.94
CA ALA C 23 12.35 -9.15 -43.11
C ALA C 23 11.82 -9.95 -44.29
N ASN C 24 11.70 -11.27 -44.15
CA ASN C 24 11.27 -12.14 -45.24
C ASN C 24 9.79 -12.46 -45.19
N ILE C 25 9.05 -11.90 -44.24
CA ILE C 25 7.63 -12.23 -44.09
C ILE C 25 6.81 -11.44 -45.11
N ASP C 26 5.60 -11.94 -45.36
CA ASP C 26 4.66 -11.30 -46.27
C ASP C 26 3.67 -10.47 -45.47
N ARG C 27 3.42 -9.24 -45.94
CA ARG C 27 2.58 -8.29 -45.23
C ARG C 27 1.41 -7.88 -46.12
N ILE C 28 0.20 -8.00 -45.58
CA ILE C 28 -1.01 -7.53 -46.27
C ILE C 28 -1.15 -6.03 -46.03
N LYS C 29 -2.02 -5.39 -46.79
CA LYS C 29 -2.27 -3.96 -46.60
C LYS C 29 -2.98 -3.72 -45.27
N VAL C 30 -2.78 -2.52 -44.72
CA VAL C 30 -3.46 -2.15 -43.49
C VAL C 30 -4.96 -2.02 -43.73
N SER C 31 -5.37 -1.68 -44.95
CA SER C 31 -6.79 -1.59 -45.26
C SER C 31 -7.49 -2.93 -45.08
N LYS C 32 -6.85 -4.02 -45.53
CA LYS C 32 -7.44 -5.33 -45.38
C LYS C 32 -7.46 -5.78 -43.92
N ALA C 33 -6.38 -5.49 -43.18
CA ALA C 33 -6.30 -5.91 -41.79
C ALA C 33 -7.32 -5.16 -40.92
N ALA C 34 -7.52 -3.87 -41.20
CA ALA C 34 -8.49 -3.10 -40.43
C ALA C 34 -9.92 -3.54 -40.71
N ALA C 35 -10.20 -3.95 -41.95
CA ALA C 35 -11.55 -4.43 -42.29
C ALA C 35 -11.85 -5.75 -41.60
N ASP C 36 -10.85 -6.61 -41.44
CA ASP C 36 -11.08 -7.91 -40.82
C ASP C 36 -11.47 -7.77 -39.35
N LEU C 37 -10.80 -6.86 -38.63
CA LEU C 37 -11.16 -6.62 -37.24
C LEU C 37 -12.53 -5.97 -37.10
N MET C 38 -12.86 -5.06 -38.00
CA MET C 38 -14.18 -4.43 -37.98
C MET C 38 -15.27 -5.45 -38.22
N ALA C 39 -15.05 -6.39 -39.14
CA ALA C 39 -16.05 -7.41 -39.44
C ALA C 39 -16.22 -8.41 -38.32
N TYR C 40 -15.14 -8.72 -37.58
CA TYR C 40 -15.25 -9.64 -36.47
C TYR C 40 -16.11 -9.07 -35.35
N CYS C 41 -15.97 -7.78 -35.06
CA CYS C 41 -16.78 -7.16 -34.02
C CYS C 41 -18.25 -7.14 -34.41
N GLU C 42 -18.55 -6.89 -35.69
CA GLU C 42 -19.93 -6.87 -36.15
C GLU C 42 -20.58 -8.24 -36.02
N ALA C 43 -19.86 -9.30 -36.40
CA ALA C 43 -20.41 -10.64 -36.40
C ALA C 43 -20.59 -11.22 -35.01
N HIS C 44 -20.01 -10.58 -33.97
CA HIS C 44 -20.06 -11.11 -32.62
C HIS C 44 -20.55 -10.06 -31.62
N ALA C 45 -21.14 -8.97 -32.10
CA ALA C 45 -21.60 -7.92 -31.19
C ALA C 45 -22.83 -8.35 -30.40
N LYS C 46 -23.63 -9.27 -30.94
CA LYS C 46 -24.84 -9.70 -30.25
C LYS C 46 -24.50 -10.51 -29.00
N GLU C 47 -23.46 -11.34 -29.07
CA GLU C 47 -23.12 -12.25 -27.98
C GLU C 47 -22.08 -11.66 -27.02
N ASP C 48 -22.00 -10.33 -26.92
CA ASP C 48 -21.11 -9.67 -25.97
C ASP C 48 -21.94 -9.11 -24.83
N PRO C 49 -22.02 -9.80 -23.69
CA PRO C 49 -22.87 -9.30 -22.59
C PRO C 49 -22.44 -7.94 -22.05
N LEU C 50 -21.16 -7.59 -22.12
CA LEU C 50 -20.73 -6.29 -21.63
C LEU C 50 -21.07 -5.17 -22.61
N LEU C 51 -21.02 -5.43 -23.91
CA LEU C 51 -21.37 -4.42 -24.89
C LEU C 51 -22.87 -4.14 -24.87
N THR C 52 -23.68 -5.20 -24.91
CA THR C 52 -25.14 -5.06 -24.84
C THR C 52 -25.60 -5.55 -23.48
N PRO C 53 -26.11 -4.66 -22.61
CA PRO C 53 -26.51 -5.08 -21.28
C PRO C 53 -27.55 -6.19 -21.32
N VAL C 54 -27.42 -7.14 -20.40
CA VAL C 54 -28.21 -8.36 -20.40
C VAL C 54 -29.29 -8.24 -19.33
N PRO C 55 -30.54 -8.61 -19.63
CA PRO C 55 -31.59 -8.55 -18.60
C PRO C 55 -31.29 -9.50 -17.45
N ALA C 56 -31.79 -9.13 -16.26
CA ALA C 56 -31.49 -9.87 -15.05
C ALA C 56 -32.10 -11.27 -15.05
N SER C 57 -32.97 -11.60 -16.02
CA SER C 57 -33.55 -12.94 -16.07
C SER C 57 -32.48 -14.00 -16.24
N GLU C 58 -31.49 -13.76 -17.10
CA GLU C 58 -30.43 -14.72 -17.38
C GLU C 58 -29.06 -14.25 -16.90
N ASN C 59 -29.03 -13.21 -16.07
CA ASN C 59 -27.77 -12.73 -15.50
C ASN C 59 -27.46 -13.47 -14.21
N PRO C 60 -26.35 -14.19 -14.12
CA PRO C 60 -26.02 -14.94 -12.89
C PRO C 60 -25.29 -14.15 -11.82
N PHE C 61 -25.19 -12.82 -11.95
CA PHE C 61 -24.47 -11.99 -11.00
C PHE C 61 -25.39 -10.90 -10.46
N ARG C 62 -26.60 -11.27 -10.08
CA ARG C 62 -27.58 -10.32 -9.56
C ARG C 62 -27.82 -10.54 -8.08
N SER D 103 -31.76 44.86 20.48
CA SER D 103 -31.19 43.93 19.52
C SER D 103 -30.28 42.92 20.20
N VAL D 104 -30.15 43.05 21.53
CA VAL D 104 -29.30 42.13 22.29
C VAL D 104 -29.84 40.71 22.21
N ARG D 105 -31.16 40.55 22.35
CA ARG D 105 -31.77 39.22 22.33
C ARG D 105 -31.57 38.55 20.97
N ILE D 106 -31.71 39.32 19.89
CA ILE D 106 -31.52 38.76 18.56
C ILE D 106 -30.08 38.27 18.39
N LEU D 107 -29.12 39.06 18.85
CA LEU D 107 -27.72 38.67 18.75
C LEU D 107 -27.44 37.42 19.58
N THR D 108 -28.01 37.36 20.80
CA THR D 108 -27.82 36.18 21.64
C THR D 108 -28.39 34.94 20.99
N ALA D 109 -29.59 35.03 20.44
CA ALA D 109 -30.21 33.90 19.76
C ALA D 109 -29.38 33.47 18.57
N CYS D 110 -28.89 34.42 17.78
CA CYS D 110 -28.07 34.09 16.62
C CYS D 110 -26.79 33.38 17.05
N PHE D 111 -26.13 33.89 18.09
CA PHE D 111 -24.88 33.28 18.55
C PHE D 111 -25.10 31.86 19.07
N LEU D 112 -26.13 31.66 19.88
CA LEU D 112 -26.40 30.33 20.42
C LEU D 112 -26.77 29.36 19.29
N SER D 113 -27.56 29.82 18.33
CA SER D 113 -27.91 28.97 17.19
C SER D 113 -26.67 28.61 16.38
N LEU D 114 -25.77 29.58 16.16
CA LEU D 114 -24.55 29.30 15.43
C LEU D 114 -23.67 28.29 16.16
N LEU D 115 -23.58 28.42 17.48
CA LEU D 115 -22.78 27.48 18.27
C LEU D 115 -23.34 26.06 18.20
N ILE D 116 -24.64 25.93 18.39
CA ILE D 116 -25.26 24.60 18.32
C ILE D 116 -25.09 24.01 16.93
N LEU D 117 -25.29 24.83 15.89
CA LEU D 117 -25.15 24.34 14.52
C LEU D 117 -23.72 23.91 14.22
N SER D 118 -22.75 24.69 14.68
CA SER D 118 -21.34 24.32 14.48
C SER D 118 -21.04 22.98 15.13
N THR D 119 -21.46 22.81 16.38
CA THR D 119 -21.23 21.56 17.09
C THR D 119 -21.85 20.38 16.33
N LEU D 120 -23.14 20.50 15.99
CA LEU D 120 -23.85 19.40 15.37
C LEU D 120 -23.27 19.07 14.00
N LEU D 121 -22.99 20.09 13.20
CA LEU D 121 -22.44 19.88 11.87
C LEU D 121 -21.08 19.21 11.93
N GLY D 122 -20.16 19.75 12.73
CA GLY D 122 -18.82 19.19 12.79
C GLY D 122 -18.79 17.76 13.29
N ASN D 123 -19.56 17.46 14.34
CA ASN D 123 -19.52 16.11 14.87
C ASN D 123 -20.28 15.12 13.99
N THR D 124 -21.32 15.59 13.30
CA THR D 124 -21.95 14.75 12.28
C THR D 124 -20.99 14.43 11.15
N LEU D 125 -20.21 15.43 10.72
CA LEU D 125 -19.22 15.19 9.68
C LEU D 125 -18.20 14.16 10.13
N VAL D 126 -17.73 14.26 11.38
CA VAL D 126 -16.76 13.29 11.88
C VAL D 126 -17.37 11.89 11.91
N CYS D 127 -18.60 11.76 12.40
CA CYS D 127 -19.23 10.44 12.46
C CYS D 127 -19.51 9.89 11.06
N ALA D 128 -19.78 10.76 10.09
CA ALA D 128 -20.06 10.31 8.73
C ALA D 128 -18.80 9.89 7.99
N ALA D 129 -17.68 10.57 8.24
CA ALA D 129 -16.44 10.25 7.53
C ALA D 129 -15.91 8.86 7.87
N VAL D 130 -16.42 8.24 8.93
CA VAL D 130 -15.95 6.92 9.31
C VAL D 130 -16.82 5.81 8.71
N ILE D 131 -18.11 6.09 8.46
CA ILE D 131 -18.97 5.12 7.82
C ILE D 131 -18.60 4.98 6.35
N ARG D 132 -18.34 6.09 5.67
CA ARG D 132 -18.05 6.06 4.24
C ARG D 132 -16.72 5.40 3.92
N PHE D 133 -15.80 5.32 4.87
CA PHE D 133 -14.46 4.78 4.64
C PHE D 133 -14.19 3.67 5.63
N ARG D 134 -13.91 2.47 5.11
CA ARG D 134 -13.65 1.31 5.95
C ARG D 134 -12.20 1.21 6.40
N HIS D 135 -11.29 1.99 5.81
CA HIS D 135 -9.90 1.96 6.26
C HIS D 135 -9.70 2.73 7.55
N LEU D 136 -10.56 3.72 7.83
CA LEU D 136 -10.49 4.41 9.11
C LEU D 136 -10.96 3.53 10.25
N ARG D 137 -11.93 2.65 9.99
CA ARG D 137 -12.44 1.75 11.02
C ARG D 137 -11.46 0.64 11.38
N SER D 138 -10.35 0.51 10.65
CA SER D 138 -9.37 -0.53 10.95
C SER D 138 -8.46 -0.16 12.10
N LYS D 139 -8.42 1.10 12.52
CA LYS D 139 -7.58 1.57 13.61
C LYS D 139 -8.40 1.76 14.87
N VAL D 140 -7.75 1.60 16.02
CA VAL D 140 -8.41 1.73 17.31
C VAL D 140 -8.47 3.19 17.78
N THR D 141 -7.43 3.96 17.46
CA THR D 141 -7.44 5.39 17.75
C THR D 141 -8.68 6.05 17.18
N ASN D 142 -9.11 5.58 16.00
CA ASN D 142 -10.35 6.07 15.41
C ASN D 142 -11.57 5.61 16.21
N PHE D 143 -11.50 4.46 16.87
CA PHE D 143 -12.59 4.06 17.75
C PHE D 143 -12.77 5.08 18.86
N PHE D 144 -11.66 5.48 19.49
CA PHE D 144 -11.75 6.48 20.54
C PHE D 144 -12.21 7.84 20.00
N VAL D 145 -11.77 8.20 18.79
CA VAL D 145 -12.18 9.47 18.20
C VAL D 145 -13.68 9.48 17.95
N ILE D 146 -14.24 8.39 17.42
CA ILE D 146 -15.68 8.37 17.16
C ILE D 146 -16.46 8.32 18.47
N SER D 147 -15.92 7.69 19.51
CA SER D 147 -16.58 7.76 20.81
C SER D 147 -16.69 9.20 21.30
N LEU D 148 -15.60 9.97 21.16
CA LEU D 148 -15.64 11.38 21.54
C LEU D 148 -16.63 12.16 20.68
N ALA D 149 -16.69 11.85 19.38
CA ALA D 149 -17.62 12.54 18.50
C ALA D 149 -19.08 12.24 18.88
N VAL D 150 -19.37 10.99 19.26
CA VAL D 150 -20.71 10.65 19.71
C VAL D 150 -21.07 11.41 20.98
N SER D 151 -20.13 11.51 21.91
CA SER D 151 -20.39 12.27 23.14
C SER D 151 -20.67 13.74 22.82
N ASP D 152 -19.92 14.34 21.89
CA ASP D 152 -20.15 15.73 21.52
C ASP D 152 -21.50 15.92 20.84
N LEU D 153 -21.90 14.95 20.00
CA LEU D 153 -23.24 15.01 19.41
C LEU D 153 -24.32 14.97 20.47
N LEU D 154 -24.18 14.09 21.47
CA LEU D 154 -25.15 14.05 22.55
C LEU D 154 -25.17 15.36 23.34
N VAL D 155 -24.01 16.02 23.47
CA VAL D 155 -23.99 17.34 24.08
C VAL D 155 -24.84 18.31 23.26
N ALA D 156 -24.65 18.29 21.94
CA ALA D 156 -25.31 19.28 21.08
C ALA D 156 -26.81 19.04 20.97
N VAL D 157 -27.26 17.79 21.10
CA VAL D 157 -28.66 17.44 20.92
C VAL D 157 -29.45 17.51 22.22
N LEU D 158 -28.94 16.85 23.27
CA LEU D 158 -29.71 16.64 24.49
C LEU D 158 -29.55 17.74 25.54
N VAL D 159 -28.61 18.66 25.36
CA VAL D 159 -28.29 19.62 26.43
C VAL D 159 -28.38 21.06 25.94
N MET D 160 -27.65 21.38 24.87
CA MET D 160 -27.50 22.78 24.48
C MET D 160 -28.79 23.48 24.08
N PRO D 161 -29.65 22.92 23.21
CA PRO D 161 -30.82 23.70 22.76
C PRO D 161 -31.76 24.11 23.88
N TRP D 162 -31.98 23.25 24.86
CA TRP D 162 -32.95 23.53 25.91
C TRP D 162 -32.47 24.64 26.84
N LYS D 163 -31.18 24.71 27.12
CA LYS D 163 -30.65 25.81 27.90
C LYS D 163 -30.74 27.13 27.14
N ALA D 164 -30.54 27.07 25.82
CA ALA D 164 -30.60 28.29 25.00
C ALA D 164 -32.03 28.82 24.92
N VAL D 165 -33.02 27.92 24.85
CA VAL D 165 -34.41 28.34 24.84
C VAL D 165 -34.74 29.09 26.12
N ALA D 166 -34.31 28.58 27.27
CA ALA D 166 -34.56 29.25 28.54
C ALA D 166 -33.87 30.60 28.61
N GLU D 167 -32.71 30.73 27.96
CA GLU D 167 -32.00 32.01 28.00
C GLU D 167 -32.65 33.04 27.10
N ILE D 168 -33.09 32.63 25.90
CA ILE D 168 -33.78 33.55 25.01
C ILE D 168 -35.14 33.92 25.58
N ALA D 169 -35.88 32.92 26.09
CA ALA D 169 -37.20 33.20 26.65
C ALA D 169 -37.11 34.00 27.94
N GLY D 170 -36.13 33.68 28.79
CA GLY D 170 -36.00 34.31 30.08
C GLY D 170 -36.52 33.51 31.26
N PHE D 171 -36.98 32.29 31.02
CA PHE D 171 -37.44 31.41 32.09
C PHE D 171 -37.39 29.99 31.58
N TRP D 172 -37.47 29.03 32.52
CA TRP D 172 -37.43 27.63 32.15
C TRP D 172 -38.85 27.15 31.87
N PRO D 173 -39.19 26.84 30.62
CA PRO D 173 -40.58 26.46 30.28
C PRO D 173 -40.84 24.95 30.22
N PHE D 174 -39.90 24.11 30.62
CA PHE D 174 -40.01 22.68 30.39
C PHE D 174 -40.46 21.90 31.63
N GLY D 175 -40.91 22.59 32.67
CA GLY D 175 -41.54 21.91 33.79
C GLY D 175 -40.57 21.00 34.53
N SER D 176 -40.95 19.73 34.66
CA SER D 176 -40.18 18.74 35.40
C SER D 176 -39.06 18.11 34.58
N PHE D 177 -38.67 18.74 33.48
CA PHE D 177 -37.53 18.29 32.69
C PHE D 177 -36.20 18.73 33.29
N CYS D 178 -36.21 19.51 34.36
CA CYS D 178 -34.96 20.04 34.91
C CYS D 178 -34.04 18.94 35.40
N ASN D 179 -34.58 17.95 36.10
CA ASN D 179 -33.73 16.89 36.66
C ASN D 179 -33.12 16.03 35.55
N ILE D 180 -33.93 15.65 34.57
CA ILE D 180 -33.41 14.82 33.47
C ILE D 180 -32.39 15.61 32.66
N TRP D 181 -32.64 16.90 32.47
CA TRP D 181 -31.67 17.73 31.75
C TRP D 181 -30.36 17.84 32.51
N VAL D 182 -30.43 18.01 33.83
CA VAL D 182 -29.21 18.09 34.64
C VAL D 182 -28.42 16.79 34.55
N ALA D 183 -29.11 15.66 34.61
CA ALA D 183 -28.44 14.37 34.46
C ALA D 183 -27.80 14.23 33.09
N PHE D 184 -28.50 14.65 32.03
CA PHE D 184 -27.93 14.61 30.69
C PHE D 184 -26.68 15.50 30.58
N ASP D 185 -26.76 16.70 31.14
CA ASP D 185 -25.63 17.62 31.14
C ASP D 185 -24.41 16.98 31.78
N ILE D 186 -24.57 16.48 33.00
CA ILE D 186 -23.46 15.87 33.72
C ILE D 186 -22.90 14.69 32.94
N MET D 187 -23.78 13.82 32.44
CA MET D 187 -23.34 12.59 31.77
C MET D 187 -22.58 12.90 30.49
N CYS D 188 -23.11 13.80 29.66
CA CYS D 188 -22.47 14.09 28.38
C CYS D 188 -21.15 14.81 28.56
N SER D 189 -21.09 15.77 29.48
CA SER D 189 -19.83 16.47 29.72
C SER D 189 -18.78 15.52 30.28
N THR D 190 -19.17 14.67 31.25
CA THR D 190 -18.25 13.71 31.82
C THR D 190 -17.74 12.74 30.77
N ALA D 191 -18.63 12.27 29.89
CA ALA D 191 -18.21 11.35 28.85
C ALA D 191 -17.21 12.00 27.90
N SER D 192 -17.43 13.27 27.54
CA SER D 192 -16.47 13.96 26.70
C SER D 192 -15.10 14.02 27.36
N ILE D 193 -15.05 14.40 28.64
CA ILE D 193 -13.75 14.54 29.30
C ILE D 193 -13.06 13.19 29.45
N LEU D 194 -13.82 12.13 29.76
CA LEU D 194 -13.24 10.81 29.91
C LEU D 194 -12.76 10.25 28.57
N ASN D 195 -13.47 10.56 27.49
CA ASN D 195 -13.00 10.18 26.16
C ASN D 195 -11.69 10.88 25.82
N LEU D 196 -11.55 12.16 26.20
CA LEU D 196 -10.29 12.86 26.00
C LEU D 196 -9.15 12.19 26.78
N CYS D 197 -9.42 11.82 28.03
CA CYS D 197 -8.41 11.16 28.85
C CYS D 197 -7.98 9.82 28.22
N VAL D 198 -8.95 9.06 27.71
CA VAL D 198 -8.63 7.77 27.09
C VAL D 198 -7.84 7.98 25.80
N ILE D 199 -8.16 9.02 25.04
CA ILE D 199 -7.39 9.32 23.83
C ILE D 199 -5.94 9.62 24.18
N SER D 200 -5.72 10.43 25.23
CA SER D 200 -4.35 10.74 25.63
C SER D 200 -3.60 9.49 26.08
N VAL D 201 -4.24 8.62 26.84
CA VAL D 201 -3.58 7.40 27.31
C VAL D 201 -3.25 6.48 26.14
N ASP D 202 -4.16 6.37 25.18
CA ASP D 202 -3.90 5.57 23.99
C ASP D 202 -2.71 6.10 23.20
N ARG D 203 -2.63 7.42 23.00
CA ARG D 203 -1.51 8.00 22.29
C ARG D 203 -0.19 7.78 23.03
N TYR D 204 -0.21 7.92 24.36
CA TYR D 204 1.00 7.68 25.13
C TYR D 204 1.47 6.24 24.99
N TRP D 205 0.54 5.28 25.06
CA TRP D 205 0.94 3.87 24.94
C TRP D 205 1.44 3.56 23.53
N ALA D 206 0.83 4.16 22.50
CA ALA D 206 1.32 3.97 21.14
C ALA D 206 2.74 4.49 20.99
N ILE D 207 3.01 5.69 21.50
CA ILE D 207 4.30 6.33 21.26
C ILE D 207 5.40 5.69 22.11
N SER D 208 5.08 5.30 23.35
CA SER D 208 6.15 4.88 24.26
C SER D 208 6.49 3.41 24.12
N SER D 209 5.52 2.56 23.81
CA SER D 209 5.74 1.11 23.71
C SER D 209 5.12 0.59 22.42
N PRO D 210 5.71 0.90 21.26
CA PRO D 210 5.05 0.54 19.99
C PRO D 210 4.83 -0.95 19.80
N PHE D 211 5.74 -1.80 20.25
CA PHE D 211 5.61 -3.25 20.00
C PHE D 211 4.55 -3.88 20.91
N ARG D 212 4.63 -3.61 22.20
CA ARG D 212 3.60 -4.09 23.12
C ARG D 212 2.24 -3.45 22.80
N TYR D 213 2.25 -2.21 22.32
CA TYR D 213 1.00 -1.60 21.86
C TYR D 213 0.42 -2.38 20.68
N GLU D 214 1.25 -2.75 19.70
CA GLU D 214 0.70 -3.46 18.55
C GLU D 214 0.25 -4.86 18.92
N ARG D 215 0.88 -5.49 19.91
CA ARG D 215 0.49 -6.84 20.28
C ARG D 215 -0.56 -6.90 21.40
N LYS D 216 -0.94 -5.77 21.97
CA LYS D 216 -1.91 -5.75 23.07
C LYS D 216 -3.09 -4.82 22.88
N MET D 217 -3.07 -3.96 21.86
CA MET D 217 -4.20 -3.06 21.62
C MET D 217 -5.17 -3.69 20.61
N THR D 218 -5.68 -4.84 20.99
CA THR D 218 -6.72 -5.49 20.21
C THR D 218 -8.03 -4.72 20.36
N PRO D 219 -8.93 -4.79 19.37
CA PRO D 219 -10.20 -4.05 19.48
C PRO D 219 -11.05 -4.47 20.67
N LYS D 220 -10.80 -5.66 21.24
CA LYS D 220 -11.50 -6.05 22.45
C LYS D 220 -11.19 -5.12 23.62
N ALA D 221 -9.92 -4.72 23.74
CA ALA D 221 -9.52 -3.83 24.83
C ALA D 221 -10.11 -2.44 24.65
N ALA D 222 -10.17 -1.95 23.41
CA ALA D 222 -10.76 -0.65 23.14
C ALA D 222 -12.22 -0.61 23.56
N PHE D 223 -12.96 -1.67 23.29
CA PHE D 223 -14.35 -1.74 23.71
C PHE D 223 -14.47 -1.72 25.22
N ILE D 224 -13.55 -2.39 25.93
CA ILE D 224 -13.56 -2.37 27.38
C ILE D 224 -13.32 -0.95 27.90
N LEU D 225 -12.35 -0.24 27.32
CA LEU D 225 -12.07 1.14 27.75
C LEU D 225 -13.27 2.05 27.50
N ILE D 226 -13.86 1.97 26.31
CA ILE D 226 -15.01 2.81 25.99
C ILE D 226 -16.17 2.51 26.91
N SER D 227 -16.43 1.22 27.17
CA SER D 227 -17.51 0.83 28.06
C SER D 227 -17.26 1.35 29.47
N VAL D 228 -16.02 1.27 29.96
CA VAL D 228 -15.71 1.77 31.29
C VAL D 228 -15.97 3.27 31.37
N ALA D 229 -15.55 4.02 30.35
CA ALA D 229 -15.77 5.47 30.35
C ALA D 229 -17.26 5.80 30.38
N TRP D 230 -18.05 5.16 29.53
CA TRP D 230 -19.48 5.49 29.45
C TRP D 230 -20.23 5.01 30.69
N THR D 231 -19.84 3.86 31.24
CA THR D 231 -20.45 3.38 32.48
C THR D 231 -20.15 4.32 33.63
N LEU D 232 -18.92 4.82 33.71
CA LEU D 232 -18.59 5.80 34.75
C LEU D 232 -19.43 7.07 34.58
N SER D 233 -19.60 7.52 33.34
CA SER D 233 -20.43 8.70 33.10
C SER D 233 -21.86 8.49 33.61
N VAL D 234 -22.47 7.36 33.24
CA VAL D 234 -23.85 7.11 33.61
C VAL D 234 -23.99 6.96 35.12
N LEU D 235 -23.04 6.26 35.75
CA LEU D 235 -23.08 6.08 37.20
C LEU D 235 -22.95 7.41 37.93
N ILE D 236 -22.05 8.29 37.46
CA ILE D 236 -21.87 9.55 38.17
C ILE D 236 -23.04 10.49 37.93
N SER D 237 -23.75 10.34 36.82
CA SER D 237 -24.83 11.29 36.55
C SER D 237 -26.19 10.81 37.06
N PHE D 238 -26.67 9.68 36.53
CA PHE D 238 -28.09 9.36 36.71
C PHE D 238 -28.39 8.77 38.08
N ILE D 239 -27.46 8.02 38.68
CA ILE D 239 -27.72 7.43 39.99
C ILE D 239 -27.91 8.48 41.08
N PRO D 240 -27.04 9.48 41.24
CA PRO D 240 -27.27 10.46 42.32
C PRO D 240 -28.39 11.45 42.02
N VAL D 241 -28.63 11.78 40.76
CA VAL D 241 -29.63 12.79 40.43
C VAL D 241 -31.03 12.25 40.70
N GLN D 242 -31.30 11.01 40.32
CA GLN D 242 -32.63 10.44 40.54
C GLN D 242 -32.94 10.31 42.03
N LEU D 243 -31.92 10.13 42.86
CA LEU D 243 -32.09 10.04 44.30
C LEU D 243 -31.98 11.39 44.99
N SER D 244 -31.90 12.47 44.21
CA SER D 244 -31.85 13.85 44.74
C SER D 244 -30.65 14.06 45.66
N TRP D 245 -29.54 13.40 45.34
CA TRP D 245 -28.29 13.64 46.06
C TRP D 245 -27.54 14.86 45.57
N HIS D 246 -27.88 15.38 44.39
CA HIS D 246 -27.18 16.53 43.84
C HIS D 246 -27.60 17.85 44.46
N LYS D 247 -28.87 17.97 44.88
CA LYS D 247 -29.39 19.22 45.41
C LYS D 247 -29.20 19.29 46.92
N ALA D 248 -29.07 20.52 47.41
CA ALA D 248 -28.90 20.74 48.84
C ALA D 248 -30.19 20.40 49.59
N LYS D 249 -30.03 19.84 50.78
CA LYS D 249 -31.19 19.40 51.56
C LYS D 249 -32.14 20.54 51.92
N PRO D 250 -31.68 21.71 52.39
CA PRO D 250 -32.67 22.75 52.68
C PRO D 250 -33.37 23.28 51.43
CA ASN D 267 -36.78 27.79 37.51
C ASN D 267 -35.77 26.66 37.66
N CYS D 268 -35.01 26.40 36.60
CA CYS D 268 -33.97 25.37 36.63
C CYS D 268 -32.59 26.04 36.77
N ASP D 269 -32.41 26.74 37.88
CA ASP D 269 -31.20 27.53 38.10
C ASP D 269 -30.68 27.35 39.53
N SER D 270 -30.64 26.11 40.01
CA SER D 270 -30.13 25.82 41.33
C SER D 270 -28.64 25.47 41.28
N SER D 271 -28.05 25.27 42.45
CA SER D 271 -26.66 24.89 42.57
C SER D 271 -26.56 23.52 43.21
N LEU D 272 -25.51 22.78 42.86
CA LEU D 272 -25.32 21.44 43.38
C LEU D 272 -25.07 21.46 44.88
N SER D 273 -25.20 20.28 45.49
CA SER D 273 -24.89 20.13 46.90
C SER D 273 -23.39 20.30 47.13
N ARG D 274 -23.03 20.61 48.37
CA ARG D 274 -21.62 20.72 48.72
C ARG D 274 -20.89 19.39 48.55
N THR D 275 -21.48 18.30 49.04
CA THR D 275 -20.83 17.00 48.91
C THR D 275 -20.76 16.55 47.45
N TYR D 276 -21.81 16.78 46.68
CA TYR D 276 -21.84 16.30 45.30
C TYR D 276 -20.99 17.15 44.36
N ALA D 277 -20.86 18.45 44.63
CA ALA D 277 -20.10 19.31 43.74
C ALA D 277 -18.64 18.92 43.69
N ILE D 278 -18.00 18.77 44.86
CA ILE D 278 -16.59 18.42 44.90
C ILE D 278 -16.36 16.97 44.46
N SER D 279 -17.23 16.05 44.89
CA SER D 279 -17.06 14.66 44.54
C SER D 279 -17.15 14.44 43.03
N SER D 280 -18.12 15.08 42.38
CA SER D 280 -18.27 14.91 40.94
C SER D 280 -17.18 15.64 40.16
N SER D 281 -16.75 16.80 40.66
CA SER D 281 -15.69 17.54 39.99
C SER D 281 -14.38 16.77 40.01
N VAL D 282 -14.09 16.07 41.12
CA VAL D 282 -12.86 15.32 41.23
C VAL D 282 -12.84 14.17 40.22
N ILE D 283 -13.95 13.44 40.12
CA ILE D 283 -14.02 12.31 39.19
C ILE D 283 -14.05 12.80 37.75
N SER D 284 -14.86 13.83 37.46
CA SER D 284 -15.09 14.24 36.08
C SER D 284 -13.95 15.08 35.52
N PHE D 285 -13.29 15.89 36.35
CA PHE D 285 -12.29 16.82 35.84
C PHE D 285 -10.88 16.54 36.36
N TYR D 286 -10.68 16.51 37.68
CA TYR D 286 -9.33 16.67 38.22
C TYR D 286 -8.46 15.45 37.98
N ILE D 287 -8.99 14.25 38.20
CA ILE D 287 -8.23 13.03 37.87
C ILE D 287 -7.95 12.93 36.38
N PRO D 288 -8.93 13.11 35.47
CA PRO D 288 -8.58 13.12 34.04
C PRO D 288 -7.58 14.19 33.65
N VAL D 289 -7.66 15.37 34.26
CA VAL D 289 -6.70 16.43 33.96
C VAL D 289 -5.30 16.03 34.39
N ALA D 290 -5.18 15.43 35.57
CA ALA D 290 -3.88 14.96 36.04
C ALA D 290 -3.31 13.91 35.10
N ILE D 291 -4.14 12.95 34.69
CA ILE D 291 -3.68 11.89 33.81
C ILE D 291 -3.21 12.47 32.47
N MET D 292 -4.00 13.39 31.91
CA MET D 292 -3.64 13.99 30.63
C MET D 292 -2.33 14.78 30.73
N ILE D 293 -2.15 15.52 31.82
CA ILE D 293 -0.91 16.27 32.02
C ILE D 293 0.28 15.32 32.05
N VAL D 294 0.17 14.23 32.81
CA VAL D 294 1.27 13.28 32.90
C VAL D 294 1.59 12.69 31.54
N THR D 295 0.57 12.21 30.82
CA THR D 295 0.81 11.54 29.56
C THR D 295 1.42 12.48 28.53
N TYR D 296 0.92 13.72 28.44
CA TYR D 296 1.44 14.62 27.43
C TYR D 296 2.80 15.20 27.80
N THR D 297 3.11 15.31 29.09
CA THR D 297 4.48 15.64 29.49
C THR D 297 5.46 14.56 29.05
N ARG D 298 5.10 13.29 29.27
CA ARG D 298 5.98 12.21 28.84
C ARG D 298 6.12 12.15 27.33
N ILE D 299 5.03 12.38 26.61
CA ILE D 299 5.08 12.43 25.15
C ILE D 299 6.00 13.53 24.67
N TYR D 300 5.92 14.71 25.31
CA TYR D 300 6.79 15.82 24.96
C TYR D 300 8.26 15.46 25.18
N ARG D 301 8.57 14.80 26.29
CA ARG D 301 9.96 14.40 26.54
C ARG D 301 10.47 13.44 25.47
N ILE D 302 9.65 12.45 25.10
CA ILE D 302 10.05 11.51 24.05
C ILE D 302 10.30 12.24 22.74
N ALA D 303 9.40 13.15 22.36
CA ALA D 303 9.57 13.88 21.12
C ALA D 303 10.83 14.74 21.13
N GLN D 304 11.14 15.34 22.28
CA GLN D 304 12.36 16.14 22.39
C GLN D 304 13.61 15.29 22.20
N LYS D 305 13.64 14.09 22.80
CA LYS D 305 14.78 13.21 22.60
C LYS D 305 14.93 12.83 21.13
N GLN D 306 13.82 12.50 20.47
CA GLN D 306 13.91 12.13 19.05
C GLN D 306 14.40 13.30 18.20
N ILE D 307 13.90 14.50 18.48
CA ILE D 307 14.31 15.68 17.71
C ILE D 307 15.80 15.93 17.87
N ARG D 308 16.31 15.85 19.10
CA ARG D 308 17.73 16.06 19.32
C ARG D 308 18.57 15.00 18.59
N ARG D 309 18.13 13.74 18.65
CA ARG D 309 18.87 12.67 17.97
C ARG D 309 18.89 12.88 16.46
N ILE D 310 17.79 13.33 15.87
CA ILE D 310 17.75 13.63 14.44
C ILE D 310 18.69 14.79 14.10
N ALA D 311 18.64 15.86 14.89
CA ALA D 311 19.41 17.04 14.60
C ALA D 311 20.91 16.79 14.74
N ALA D 312 21.32 15.87 15.61
CA ALA D 312 22.73 15.53 15.70
C ALA D 312 23.27 14.98 14.39
N LEU D 313 22.53 14.05 13.78
CA LEU D 313 22.96 13.50 12.48
C LEU D 313 22.91 14.55 11.40
N GLU D 314 21.88 15.41 11.42
CA GLU D 314 21.84 16.49 10.44
C GLU D 314 23.05 17.41 10.56
N ARG D 315 23.44 17.75 11.79
CA ARG D 315 24.60 18.60 12.01
C ARG D 315 25.88 17.90 11.55
N ALA D 316 26.00 16.60 11.81
CA ALA D 316 27.18 15.87 11.35
C ALA D 316 27.29 15.89 9.83
N ALA D 317 26.17 15.67 9.12
CA ALA D 317 26.19 15.70 7.67
C ALA D 317 26.49 17.10 7.15
N VAL D 318 25.93 18.14 7.79
CA VAL D 318 26.20 19.51 7.38
C VAL D 318 27.67 19.85 7.55
N HIS D 319 28.25 19.47 8.69
CA HIS D 319 29.67 19.69 8.92
C HIS D 319 30.52 18.93 7.90
N ALA D 320 30.08 17.72 7.52
CA ALA D 320 30.78 16.97 6.48
C ALA D 320 30.74 17.72 5.15
N LYS D 321 29.59 18.30 4.80
CA LYS D 321 29.47 19.01 3.53
C LYS D 321 30.41 20.21 3.48
N ASN D 322 30.47 20.98 4.56
CA ASN D 322 31.31 22.18 4.59
C ASN D 322 31.58 22.59 6.04
N SER D 345 16.23 23.08 13.55
CA SER D 345 16.14 22.37 14.82
C SER D 345 15.07 22.99 15.72
N PHE D 346 15.00 24.32 15.73
CA PHE D 346 14.00 25.00 16.55
C PHE D 346 12.60 24.89 15.95
N LYS D 347 12.51 24.70 14.63
CA LYS D 347 11.20 24.60 13.99
C LYS D 347 10.42 23.38 14.49
N ARG D 348 11.11 22.24 14.62
CA ARG D 348 10.44 21.02 15.08
C ARG D 348 9.96 21.16 16.53
N GLU D 349 10.80 21.73 17.39
CA GLU D 349 10.40 21.92 18.77
C GLU D 349 9.24 22.91 18.87
N THR D 350 9.26 23.95 18.05
CA THR D 350 8.14 24.87 18.00
C THR D 350 6.86 24.16 17.57
N LYS D 351 6.95 23.28 16.58
CA LYS D 351 5.76 22.53 16.14
C LYS D 351 5.22 21.64 17.24
N VAL D 352 6.11 20.94 17.96
CA VAL D 352 5.68 20.09 19.07
C VAL D 352 4.97 20.91 20.14
N LEU D 353 5.58 22.04 20.52
CA LEU D 353 5.00 22.89 21.54
C LEU D 353 3.66 23.45 21.09
N LYS D 354 3.54 23.82 19.81
CA LYS D 354 2.30 24.36 19.30
C LYS D 354 1.18 23.32 19.40
N THR D 355 1.43 22.10 18.92
CA THR D 355 0.41 21.06 18.96
C THR D 355 -0.03 20.78 20.40
N LEU D 356 0.94 20.55 21.29
CA LEU D 356 0.61 20.18 22.66
C LEU D 356 -0.10 21.33 23.39
N SER D 357 0.37 22.56 23.19
CA SER D 357 -0.25 23.70 23.85
C SER D 357 -1.65 23.93 23.32
N VAL D 358 -1.89 23.74 22.03
CA VAL D 358 -3.26 23.88 21.52
C VAL D 358 -4.18 22.88 22.21
N ILE D 359 -3.78 21.61 22.25
CA ILE D 359 -4.61 20.58 22.89
C ILE D 359 -4.92 20.98 24.33
N MET D 360 -3.86 21.10 25.14
CA MET D 360 -4.03 21.30 26.57
C MET D 360 -4.72 22.62 26.88
N GLY D 361 -4.31 23.70 26.20
CA GLY D 361 -4.89 25.00 26.49
C GLY D 361 -6.35 25.10 26.11
N VAL D 362 -6.75 24.51 24.97
CA VAL D 362 -8.15 24.54 24.61
C VAL D 362 -8.97 23.82 25.68
N PHE D 363 -8.53 22.61 26.06
CA PHE D 363 -9.28 21.85 27.07
C PHE D 363 -9.39 22.62 28.38
N VAL D 364 -8.26 23.14 28.88
CA VAL D 364 -8.23 23.77 30.19
C VAL D 364 -8.97 25.11 30.18
N CYS D 365 -8.79 25.91 29.14
CA CYS D 365 -9.48 27.19 29.08
C CYS D 365 -10.98 27.02 28.94
N CYS D 366 -11.43 25.94 28.27
CA CYS D 366 -12.87 25.72 28.17
C CYS D 366 -13.47 25.23 29.48
N TRP D 367 -12.80 24.30 30.17
CA TRP D 367 -13.46 23.61 31.27
C TRP D 367 -13.00 24.02 32.67
N LEU D 368 -11.93 24.77 32.82
CA LEU D 368 -11.38 25.00 34.15
C LEU D 368 -12.19 26.01 34.96
N PRO D 369 -12.52 27.19 34.44
CA PRO D 369 -13.32 28.13 35.26
C PRO D 369 -14.66 27.57 35.70
N PHE D 370 -15.31 26.76 34.86
CA PHE D 370 -16.58 26.15 35.27
C PHE D 370 -16.39 25.26 36.49
N PHE D 371 -15.35 24.44 36.49
CA PHE D 371 -15.16 23.49 37.59
C PHE D 371 -14.58 24.15 38.83
N ILE D 372 -14.14 25.39 38.74
CA ILE D 372 -13.79 26.17 39.92
C ILE D 372 -15.02 26.80 40.53
N LEU D 373 -15.86 27.43 39.70
CA LEU D 373 -17.08 28.02 40.22
C LEU D 373 -18.13 26.97 40.59
N ASN D 374 -17.97 25.74 40.11
CA ASN D 374 -18.85 24.65 40.49
C ASN D 374 -18.65 24.23 41.93
N CYS D 375 -17.48 24.52 42.51
CA CYS D 375 -17.21 24.24 43.91
C CYS D 375 -17.18 25.49 44.77
N ILE D 376 -16.93 26.66 44.19
CA ILE D 376 -17.02 27.91 44.95
C ILE D 376 -18.48 28.22 45.27
N LEU D 377 -19.37 28.07 44.29
CA LEU D 377 -20.75 28.49 44.47
C LEU D 377 -21.52 27.76 45.57
N PRO D 378 -21.44 26.43 45.72
CA PRO D 378 -22.24 25.76 46.77
C PRO D 378 -21.94 26.24 48.17
N PHE D 379 -20.77 26.83 48.42
CA PHE D 379 -20.42 27.34 49.73
C PHE D 379 -20.80 28.80 49.93
N CYS D 380 -21.40 29.44 48.92
CA CYS D 380 -21.83 30.83 49.04
C CYS D 380 -23.13 30.94 49.81
N CYS D 389 -18.22 34.75 45.24
CA CYS D 389 -19.63 34.58 44.89
C CYS D 389 -20.00 35.47 43.71
N ILE D 390 -20.78 34.92 42.78
CA ILE D 390 -21.13 35.60 41.55
C ILE D 390 -22.65 35.49 41.34
N ASP D 391 -23.13 36.10 40.27
CA ASP D 391 -24.54 36.08 39.93
C ASP D 391 -24.87 34.80 39.17
N SER D 392 -26.08 34.73 38.62
CA SER D 392 -26.51 33.59 37.82
C SER D 392 -26.27 33.78 36.33
N ASN D 393 -25.63 34.87 35.93
CA ASN D 393 -25.35 35.16 34.53
C ASN D 393 -23.91 34.83 34.14
N THR D 394 -22.93 35.22 34.95
CA THR D 394 -21.55 34.84 34.68
C THR D 394 -21.38 33.33 34.78
N PHE D 395 -22.09 32.69 35.71
CA PHE D 395 -22.06 31.24 35.77
C PHE D 395 -22.62 30.62 34.50
N ASP D 396 -23.68 31.19 33.94
CA ASP D 396 -24.21 30.70 32.68
C ASP D 396 -23.21 30.90 31.55
N VAL D 397 -22.49 32.01 31.57
CA VAL D 397 -21.45 32.25 30.58
C VAL D 397 -20.39 31.15 30.64
N PHE D 398 -19.97 30.79 31.86
CA PHE D 398 -18.93 29.77 31.98
C PHE D 398 -19.45 28.38 31.66
N VAL D 399 -20.73 28.12 31.94
CA VAL D 399 -21.36 26.87 31.50
C VAL D 399 -21.31 26.76 29.99
N TRP D 400 -21.67 27.85 29.30
CA TRP D 400 -21.63 27.85 27.84
C TRP D 400 -20.21 27.73 27.32
N PHE D 401 -19.23 28.32 28.02
CA PHE D 401 -17.84 28.14 27.63
C PHE D 401 -17.43 26.69 27.71
N GLY D 402 -17.84 26.01 28.77
CA GLY D 402 -17.54 24.59 28.90
C GLY D 402 -18.16 23.75 27.80
N TRP D 403 -19.39 24.06 27.41
CA TRP D 403 -20.04 23.28 26.36
C TRP D 403 -19.42 23.52 24.99
N ALA D 404 -18.85 24.70 24.76
CA ALA D 404 -18.31 25.05 23.45
C ALA D 404 -17.05 24.29 23.10
N ASN D 405 -16.46 23.55 24.04
CA ASN D 405 -15.32 22.69 23.73
C ASN D 405 -15.72 21.57 22.77
N SER D 406 -16.94 21.05 22.88
CA SER D 406 -17.41 20.01 21.98
C SER D 406 -17.50 20.51 20.54
N SER D 407 -17.68 21.81 20.35
CA SER D 407 -17.67 22.39 19.02
C SER D 407 -16.28 22.27 18.38
N LEU D 408 -15.23 22.52 19.15
CA LEU D 408 -13.86 22.55 18.66
C LEU D 408 -13.19 21.18 18.65
N ASN D 409 -13.76 20.19 19.33
CA ASN D 409 -13.15 18.88 19.39
C ASN D 409 -12.92 18.23 18.03
N PRO D 410 -13.83 18.32 17.04
CA PRO D 410 -13.55 17.69 15.75
C PRO D 410 -12.29 18.20 15.05
N ILE D 411 -11.95 19.49 15.18
CA ILE D 411 -10.80 20.03 14.47
C ILE D 411 -9.50 19.88 15.25
N ILE D 412 -9.53 19.20 16.41
CA ILE D 412 -8.34 18.95 17.19
C ILE D 412 -7.96 17.47 17.20
N TYR D 413 -8.92 16.57 17.04
CA TYR D 413 -8.65 15.14 17.11
C TYR D 413 -9.04 14.38 15.85
N ALA D 414 -9.75 14.99 14.92
CA ALA D 414 -10.18 14.36 13.67
C ALA D 414 -9.89 15.28 12.50
N PHE D 415 -8.66 15.81 12.46
CA PHE D 415 -8.27 16.77 11.43
C PHE D 415 -6.92 16.41 10.82
N ASN D 416 -6.56 15.14 10.84
CA ASN D 416 -5.31 14.70 10.23
C ASN D 416 -5.51 14.59 8.71
N ALA D 417 -4.49 14.11 8.00
CA ALA D 417 -4.58 14.00 6.55
C ALA D 417 -5.69 13.04 6.13
N ASP D 418 -5.85 11.93 6.85
CA ASP D 418 -6.88 10.95 6.51
C ASP D 418 -8.27 11.54 6.67
N PHE D 419 -8.51 12.28 7.77
CA PHE D 419 -9.83 12.86 8.00
C PHE D 419 -10.07 14.09 7.12
N ARG D 420 -9.03 14.91 6.90
CA ARG D 420 -9.18 16.07 6.06
C ARG D 420 -9.51 15.68 4.62
N LYS D 421 -8.83 14.65 4.11
CA LYS D 421 -9.13 14.15 2.77
C LYS D 421 -10.55 13.59 2.70
N ALA D 422 -10.98 12.86 3.74
CA ALA D 422 -12.34 12.34 3.77
C ALA D 422 -13.37 13.46 3.93
N PHE D 423 -12.97 14.62 4.43
CA PHE D 423 -13.88 15.76 4.53
C PHE D 423 -14.01 16.51 3.22
N SER D 424 -13.13 16.26 2.25
CA SER D 424 -13.25 16.87 0.92
C SER D 424 -14.00 15.97 -0.05
N THR D 425 -13.83 14.66 0.06
CA THR D 425 -14.58 13.74 -0.79
C THR D 425 -16.08 13.85 -0.52
N LEU D 426 -16.47 13.99 0.74
CA LEU D 426 -17.86 14.18 1.08
C LEU D 426 -18.36 15.60 0.84
N LEU D 427 -17.46 16.53 0.48
CA LEU D 427 -17.84 17.91 0.21
C LEU D 427 -17.93 18.09 -1.32
N GLY D 428 -19.07 17.70 -1.87
CA GLY D 428 -19.34 17.88 -3.27
C GLY D 428 -18.74 16.85 -4.20
N CYS D 429 -17.99 15.87 -3.66
CA CYS D 429 -17.41 14.80 -4.47
C CYS D 429 -16.53 15.36 -5.58
N TYR D 430 -15.54 16.17 -5.22
CA TYR D 430 -14.63 16.76 -6.18
C TYR D 430 -13.19 16.40 -5.86
#